data_5YHP
#
_entry.id   5YHP
#
_cell.length_a   55.388
_cell.length_b   82.269
_cell.length_c   171.005
_cell.angle_alpha   90.00
_cell.angle_beta   90.00
_cell.angle_gamma   90.00
#
_symmetry.space_group_name_H-M   'P 21 2 21'
#
loop_
_entity.id
_entity.type
_entity.pdbx_description
1 polymer 'Cold active proline iminopeptidase'
2 non-polymer 'CITRATE ANION'
3 water water
#
_entity_poly.entity_id   1
_entity_poly.type   'polypeptide(L)'
_entity_poly.pdbx_seq_one_letter_code
;MRGSHHHHHHGMASMTGGQQMGRDLYDDDDKDHPFTMTSLFAAIQPYKTHLLRVSPLHRLSIKEYGNPQGKPVVFLHGGP
GGGASDSDARRFNPTTYRIVLFDQRGSGESTPASCLEDNTTQALVEDIEKIREFLQVGAAWHVFGGSWGSTLALAYAQAH
PARVKSLTLRGIFTLRKKELDFFYQGPGSSFVFPEYWEEYLDPIPVAERGDMVKAYYERLTGSDEKVRAEAGRAWSRWEM
ATSRLHVDPDYISKADAPGFADAFARIESHYFVNGGFMPEGELLKPENIAKISHIPAVIVQGRYDMVCPITTAYELTKLW
PEAKFVVIPDAGHSAIEAGTEKALVEATEEFAKLA
;
_entity_poly.pdbx_strand_id   A,B
#
loop_
_chem_comp.id
_chem_comp.type
_chem_comp.name
_chem_comp.formula
FLC non-polymer 'CITRATE ANION' 'C6 H5 O7 -3'
#
# COMPACT_ATOMS: atom_id res chain seq x y z
N THR A 38 -8.85 25.52 -3.51
CA THR A 38 -7.71 25.22 -2.65
C THR A 38 -7.85 25.88 -1.27
N SER A 39 -7.28 25.25 -0.25
CA SER A 39 -7.31 25.81 1.09
C SER A 39 -6.01 26.56 1.35
N LEU A 40 -5.12 26.54 0.36
CA LEU A 40 -3.88 27.33 0.42
C LEU A 40 -4.16 28.81 0.37
N PHE A 41 -3.42 29.55 1.18
CA PHE A 41 -3.41 31.00 1.08
C PHE A 41 -2.66 31.40 -0.18
N ALA A 42 -2.77 32.66 -0.56
CA ALA A 42 -2.17 33.12 -1.80
C ALA A 42 -0.68 32.84 -1.87
N ALA A 43 -0.17 32.62 -3.08
CA ALA A 43 1.27 32.55 -3.30
C ALA A 43 1.90 33.78 -2.68
N ILE A 44 3.08 33.64 -2.09
CA ILE A 44 3.66 34.71 -1.30
C ILE A 44 5.17 34.72 -1.39
N GLN A 45 5.75 35.92 -1.47
CA GLN A 45 7.19 36.08 -1.48
C GLN A 45 7.62 36.60 -0.11
N PRO A 46 8.87 36.29 0.29
CA PRO A 46 9.33 36.69 1.62
C PRO A 46 9.56 38.20 1.75
N TYR A 47 9.39 38.76 2.95
CA TYR A 47 9.69 40.18 3.20
C TYR A 47 11.14 40.41 3.60
N LYS A 48 11.84 39.32 3.94
CA LYS A 48 13.22 39.39 4.37
C LYS A 48 13.89 38.02 4.13
N THR A 49 15.12 38.03 3.64
CA THR A 49 15.91 36.78 3.55
C THR A 49 17.21 36.95 4.32
N HIS A 50 17.75 35.85 4.83
CA HIS A 50 18.95 35.90 5.66
C HIS A 50 19.92 34.78 5.33
N LEU A 51 21.17 35.02 5.66
CA LEU A 51 22.17 33.98 5.56
C LEU A 51 22.79 33.91 6.94
N LEU A 52 22.60 32.78 7.62
CA LEU A 52 23.11 32.65 8.97
C LEU A 52 24.14 31.54 9.05
N ARG A 53 25.35 31.93 9.45
CA ARG A 53 26.43 31.00 9.68
C ARG A 53 26.16 30.23 10.94
N VAL A 54 26.28 28.90 10.88
CA VAL A 54 26.00 28.11 12.05
C VAL A 54 27.18 27.22 12.43
N SER A 55 28.17 27.14 11.54
CA SER A 55 29.37 26.38 11.81
C SER A 55 30.46 27.03 10.97
N PRO A 56 31.72 26.58 11.12
CA PRO A 56 32.75 27.18 10.25
C PRO A 56 32.54 26.77 8.80
N LEU A 57 31.61 25.86 8.57
CA LEU A 57 31.41 25.25 7.28
C LEU A 57 30.05 25.64 6.71
N HIS A 58 29.02 25.45 7.53
CA HIS A 58 27.65 25.56 7.07
C HIS A 58 27.02 26.93 7.25
N ARG A 59 26.07 27.24 6.37
CA ARG A 59 25.44 28.55 6.30
C ARG A 59 24.04 28.43 5.78
N LEU A 60 23.10 28.80 6.62
CA LEU A 60 21.69 28.53 6.35
C LEU A 60 20.99 29.74 5.74
N SER A 61 20.29 29.49 4.63
CA SER A 61 19.40 30.48 4.02
C SER A 61 18.06 30.44 4.76
N ILE A 62 17.64 31.59 5.25
CA ILE A 62 16.40 31.73 6.04
C ILE A 62 15.52 32.76 5.36
N LYS A 63 14.23 32.45 5.22
CA LYS A 63 13.30 33.35 4.57
C LYS A 63 12.05 33.57 5.41
N GLU A 64 11.70 34.83 5.61
CA GLU A 64 10.55 35.16 6.43
C GLU A 64 9.39 35.66 5.57
N TYR A 65 8.20 35.15 5.86
CA TYR A 65 7.03 35.50 5.09
C TYR A 65 5.91 35.93 6.02
N GLY A 66 4.96 36.70 5.47
CA GLY A 66 3.75 37.05 6.19
C GLY A 66 3.85 38.29 7.08
N ASN A 67 3.38 38.16 8.31
CA ASN A 67 3.32 39.29 9.24
C ASN A 67 4.45 39.27 10.26
N PRO A 68 5.34 40.28 10.19
CA PRO A 68 6.49 40.33 11.10
C PRO A 68 6.02 40.38 12.55
N GLN A 69 4.78 40.80 12.75
CA GLN A 69 4.19 40.92 14.09
C GLN A 69 3.37 39.70 14.50
N GLY A 70 3.26 38.73 13.59
CA GLY A 70 2.41 37.57 13.80
C GLY A 70 2.99 36.54 14.77
N LYS A 71 2.26 35.45 14.96
CA LYS A 71 2.75 34.33 15.78
C LYS A 71 3.87 33.64 15.01
N PRO A 72 5.03 33.43 15.68
CA PRO A 72 6.19 32.80 15.03
C PRO A 72 5.96 31.30 14.78
N VAL A 73 6.27 30.83 13.58
CA VAL A 73 6.19 29.41 13.24
C VAL A 73 7.39 29.04 12.36
N VAL A 74 7.99 27.89 12.61
CA VAL A 74 9.13 27.47 11.82
C VAL A 74 8.73 26.25 11.01
N PHE A 75 9.08 26.26 9.73
CA PHE A 75 8.75 25.17 8.83
C PHE A 75 9.97 24.30 8.64
N LEU A 76 9.83 23.00 8.88
CA LEU A 76 10.93 22.07 8.65
C LEU A 76 10.66 21.26 7.40
N HIS A 77 11.42 21.50 6.33
CA HIS A 77 11.24 20.76 5.08
C HIS A 77 11.68 19.32 5.26
N GLY A 78 11.24 18.44 4.36
CA GLY A 78 11.59 17.02 4.46
C GLY A 78 12.86 16.64 3.71
N GLY A 79 12.89 15.38 3.29
CA GLY A 79 14.06 14.77 2.70
C GLY A 79 14.56 13.65 3.61
N PRO A 80 15.60 13.94 4.41
CA PRO A 80 16.31 15.23 4.54
C PRO A 80 17.06 15.66 3.28
N GLY A 81 17.31 16.96 3.16
CA GLY A 81 18.06 17.49 2.05
C GLY A 81 17.19 18.00 0.92
N GLY A 82 15.89 18.13 1.16
CA GLY A 82 14.98 18.56 0.11
C GLY A 82 14.91 20.06 -0.09
N GLY A 83 15.18 20.80 0.97
CA GLY A 83 15.10 22.25 0.95
C GLY A 83 13.67 22.70 1.05
N ALA A 84 13.46 23.95 1.44
CA ALA A 84 12.13 24.56 1.44
C ALA A 84 11.88 25.40 0.18
N SER A 85 10.62 25.71 -0.09
CA SER A 85 10.28 26.61 -1.19
C SER A 85 9.17 27.58 -0.79
N ASP A 86 8.99 28.64 -1.58
CA ASP A 86 8.02 29.69 -1.27
C ASP A 86 6.62 29.11 -1.06
N SER A 87 6.28 28.06 -1.81
CA SER A 87 4.96 27.46 -1.72
C SER A 87 4.67 26.90 -0.33
N ASP A 88 5.70 26.45 0.38
CA ASP A 88 5.49 25.90 1.72
C ASP A 88 4.99 26.97 2.69
N ALA A 89 5.16 28.24 2.34
CA ALA A 89 4.68 29.33 3.18
C ALA A 89 3.16 29.51 3.06
N ARG A 90 2.57 28.81 2.09
CA ARG A 90 1.15 28.99 1.77
C ARG A 90 0.19 28.27 2.74
N ARG A 91 0.75 27.52 3.68
CA ARG A 91 -0.11 26.77 4.60
C ARG A 91 -0.42 27.58 5.85
N PHE A 92 0.13 28.79 5.93
CA PHE A 92 -0.04 29.62 7.11
C PHE A 92 -0.70 30.94 6.73
N ASN A 93 -1.67 31.38 7.54
CA ASN A 93 -2.31 32.67 7.32
C ASN A 93 -1.27 33.78 7.43
N PRO A 94 -1.09 34.54 6.34
CA PRO A 94 -0.04 35.57 6.27
C PRO A 94 -0.31 36.74 7.21
N THR A 95 -1.57 36.89 7.62
CA THR A 95 -1.93 37.97 8.53
C THR A 95 -1.66 37.55 9.96
N THR A 96 -1.79 36.25 10.20
CA THR A 96 -1.75 35.70 11.55
C THR A 96 -0.36 35.28 11.98
N TYR A 97 0.41 34.72 11.03
CA TYR A 97 1.69 34.09 11.35
C TYR A 97 2.91 34.89 10.90
N ARG A 98 3.95 34.85 11.71
CA ARG A 98 5.28 35.19 11.24
C ARG A 98 5.87 33.87 10.76
N ILE A 99 6.00 33.73 9.45
CA ILE A 99 6.32 32.43 8.88
C ILE A 99 7.80 32.35 8.61
N VAL A 100 8.48 31.43 9.31
CA VAL A 100 9.92 31.27 9.13
C VAL A 100 10.25 29.98 8.39
N LEU A 101 10.81 30.13 7.20
CA LEU A 101 11.28 28.99 6.43
C LEU A 101 12.79 29.05 6.37
N PHE A 102 13.42 27.88 6.29
CA PHE A 102 14.87 27.81 6.08
C PHE A 102 15.24 26.50 5.42
N ASP A 103 16.40 26.47 4.77
CA ASP A 103 16.90 25.23 4.21
C ASP A 103 17.94 24.63 5.15
N GLN A 104 17.71 23.41 5.61
CA GLN A 104 18.65 22.69 6.47
C GLN A 104 20.00 22.45 5.77
N ARG A 105 21.03 22.17 6.54
CA ARG A 105 22.41 22.08 6.01
C ARG A 105 22.56 21.30 4.71
N GLY A 106 23.16 21.95 3.72
CA GLY A 106 23.48 21.31 2.45
C GLY A 106 22.34 21.25 1.45
N SER A 107 21.18 21.75 1.85
CA SER A 107 20.03 21.71 0.96
C SER A 107 19.59 23.09 0.52
N GLY A 108 18.78 23.14 -0.53
CA GLY A 108 18.22 24.38 -1.02
C GLY A 108 19.30 25.39 -1.37
N GLU A 109 19.24 26.55 -0.72
CA GLU A 109 20.15 27.63 -1.01
C GLU A 109 21.20 27.75 0.08
N SER A 110 21.07 26.91 1.11
CA SER A 110 22.07 26.83 2.16
C SER A 110 23.37 26.26 1.60
N THR A 111 24.48 26.75 2.13
CA THR A 111 25.78 26.39 1.61
C THR A 111 26.57 25.73 2.73
N PRO A 112 27.52 24.84 2.37
CA PRO A 112 27.80 24.39 1.00
C PRO A 112 26.86 23.27 0.49
N ALA A 113 26.47 23.39 -0.78
CA ALA A 113 25.47 22.49 -1.35
C ALA A 113 25.96 21.07 -1.25
N SER A 114 25.06 20.16 -0.83
CA SER A 114 25.34 18.72 -0.87
C SER A 114 26.48 18.30 0.05
N CYS A 115 26.81 19.16 1.02
CA CYS A 115 27.90 18.90 1.97
C CYS A 115 27.48 17.91 3.06
N LEU A 116 28.20 16.81 3.18
CA LEU A 116 27.82 15.80 4.18
C LEU A 116 28.66 15.87 5.45
N GLU A 117 29.53 16.87 5.51
CA GLU A 117 30.42 17.01 6.64
C GLU A 117 29.65 17.73 7.74
N ASP A 118 29.69 17.16 8.94
CA ASP A 118 28.95 17.70 10.09
C ASP A 118 27.48 17.97 9.75
N ASN A 119 26.85 16.99 9.11
CA ASN A 119 25.45 17.11 8.75
C ASN A 119 24.66 16.02 9.47
N THR A 120 24.33 16.27 10.73
CA THR A 120 23.64 15.28 11.57
C THR A 120 22.33 15.80 12.15
N THR A 121 21.53 14.91 12.72
CA THR A 121 20.27 15.29 13.35
C THR A 121 20.51 16.29 14.47
N GLN A 122 21.51 16.00 15.28
CA GLN A 122 21.80 16.83 16.44
C GLN A 122 22.19 18.22 16.02
N ALA A 123 22.95 18.31 14.93
CA ALA A 123 23.38 19.61 14.41
C ALA A 123 22.17 20.41 13.90
N LEU A 124 21.25 19.71 13.25
CA LEU A 124 20.09 20.36 12.66
C LEU A 124 19.20 20.84 13.79
N VAL A 125 19.08 20.01 14.82
CA VAL A 125 18.30 20.38 16.01
C VAL A 125 18.86 21.65 16.62
N GLU A 126 20.18 21.75 16.73
CA GLU A 126 20.81 22.92 17.32
C GLU A 126 20.64 24.14 16.42
N ASP A 127 20.61 23.90 15.11
CA ASP A 127 20.45 24.96 14.12
C ASP A 127 19.11 25.68 14.28
N ILE A 128 18.05 24.91 14.54
CA ILE A 128 16.74 25.50 14.73
C ILE A 128 16.77 26.46 15.89
N GLU A 129 17.50 26.09 16.95
CA GLU A 129 17.67 27.00 18.08
C GLU A 129 18.46 28.26 17.72
N LYS A 130 19.54 28.10 16.95
CA LYS A 130 20.36 29.23 16.49
C LYS A 130 19.50 30.19 15.66
N ILE A 131 18.58 29.65 14.88
CA ILE A 131 17.71 30.47 14.05
C ILE A 131 16.74 31.22 14.94
N ARG A 132 16.14 30.50 15.89
CA ARG A 132 15.15 31.07 16.80
C ARG A 132 15.67 32.31 17.50
N GLU A 133 16.89 32.24 18.03
CA GLU A 133 17.48 33.37 18.74
C GLU A 133 17.87 34.49 17.80
N PHE A 134 18.48 34.12 16.68
CA PHE A 134 18.94 35.09 15.67
C PHE A 134 17.81 35.94 15.13
N LEU A 135 16.66 35.31 14.88
CA LEU A 135 15.51 36.05 14.35
C LEU A 135 14.79 36.79 15.46
N GLN A 136 15.24 36.56 16.70
CA GLN A 136 14.61 37.14 17.89
C GLN A 136 13.09 36.91 17.82
N VAL A 137 12.67 35.66 17.67
CA VAL A 137 11.24 35.40 17.55
C VAL A 137 10.61 35.39 18.91
N GLY A 138 11.46 35.20 19.92
CA GLY A 138 10.99 35.11 21.28
C GLY A 138 11.33 33.76 21.85
N ALA A 139 10.69 33.44 22.97
CA ALA A 139 11.00 32.26 23.74
C ALA A 139 10.57 30.97 23.04
N ALA A 140 9.38 30.99 22.43
CA ALA A 140 8.84 29.79 21.78
C ALA A 140 8.13 30.06 20.45
N TRP A 141 7.94 29.00 19.67
CA TRP A 141 7.22 29.10 18.39
C TRP A 141 6.51 27.82 17.99
N HIS A 142 5.56 27.93 17.06
CA HIS A 142 4.92 26.76 16.48
C HIS A 142 5.91 26.06 15.54
N VAL A 143 5.74 24.74 15.42
CA VAL A 143 6.62 23.94 14.58
C VAL A 143 5.77 23.13 13.58
N PHE A 144 6.20 23.11 12.32
CA PHE A 144 5.46 22.44 11.24
C PHE A 144 6.43 21.56 10.44
N GLY A 145 6.12 20.28 10.33
CA GLY A 145 6.98 19.35 9.60
C GLY A 145 6.25 18.14 9.07
N GLY A 146 6.67 17.67 7.90
CA GLY A 146 6.14 16.46 7.32
C GLY A 146 7.29 15.57 6.88
N SER A 147 7.10 14.25 6.98
CA SER A 147 8.11 13.29 6.55
C SER A 147 9.40 13.45 7.36
N TRP A 148 10.53 13.69 6.71
CA TRP A 148 11.74 13.96 7.48
C TRP A 148 11.51 15.20 8.37
N GLY A 149 10.66 16.10 7.90
CA GLY A 149 10.27 17.25 8.69
C GLY A 149 9.61 16.89 10.02
N SER A 150 8.85 15.80 10.06
CA SER A 150 8.25 15.36 11.32
C SER A 150 9.31 14.70 12.19
N THR A 151 10.27 14.03 11.56
CA THR A 151 11.40 13.46 12.31
C THR A 151 12.15 14.57 13.02
N LEU A 152 12.48 15.64 12.29
CA LEU A 152 13.20 16.76 12.89
C LEU A 152 12.34 17.45 13.95
N ALA A 153 11.06 17.65 13.65
CA ALA A 153 10.13 18.24 14.61
C ALA A 153 10.11 17.47 15.92
N LEU A 154 10.01 16.15 15.83
CA LEU A 154 9.97 15.34 17.03
C LEU A 154 11.29 15.42 17.78
N ALA A 155 12.41 15.25 17.07
CA ALA A 155 13.74 15.40 17.70
C ALA A 155 13.90 16.77 18.37
N TYR A 156 13.55 17.83 17.64
CA TYR A 156 13.59 19.20 18.19
C TYR A 156 12.73 19.33 19.44
N ALA A 157 11.46 18.93 19.36
CA ALA A 157 10.55 19.08 20.47
C ALA A 157 11.00 18.29 21.69
N GLN A 158 11.56 17.11 21.45
CA GLN A 158 12.03 16.30 22.57
C GLN A 158 13.26 16.92 23.23
N ALA A 159 14.07 17.59 22.44
CA ALA A 159 15.28 18.25 22.94
C ALA A 159 15.03 19.63 23.54
N HIS A 160 13.94 20.28 23.13
CA HIS A 160 13.62 21.62 23.60
C HIS A 160 12.13 21.83 23.68
N PRO A 161 11.45 21.02 24.52
CA PRO A 161 9.99 21.04 24.56
C PRO A 161 9.43 22.39 24.98
N ALA A 162 10.20 23.15 25.74
CA ALA A 162 9.73 24.47 26.18
C ALA A 162 9.68 25.47 25.02
N ARG A 163 10.38 25.16 23.92
CA ARG A 163 10.47 26.09 22.79
C ARG A 163 9.34 25.90 21.82
N VAL A 164 8.52 24.88 22.04
CA VAL A 164 7.51 24.50 21.04
C VAL A 164 6.07 24.80 21.48
N LYS A 165 5.37 25.65 20.72
CA LYS A 165 4.00 26.01 21.08
C LYS A 165 3.01 24.96 20.59
N SER A 166 3.32 24.37 19.45
CA SER A 166 2.45 23.39 18.83
C SER A 166 3.24 22.55 17.82
N LEU A 167 2.68 21.40 17.48
CA LEU A 167 3.29 20.51 16.51
C LEU A 167 2.26 20.08 15.47
N THR A 168 2.46 20.51 14.22
CA THR A 168 1.64 20.04 13.10
C THR A 168 2.48 19.08 12.27
N LEU A 169 2.11 17.79 12.31
CA LEU A 169 2.95 16.71 11.79
C LEU A 169 2.22 15.93 10.70
N ARG A 170 2.96 15.53 9.67
CA ARG A 170 2.39 14.77 8.55
C ARG A 170 3.35 13.70 8.07
N GLY A 171 2.82 12.58 7.56
CA GLY A 171 3.65 11.50 7.05
C GLY A 171 4.76 11.10 8.01
N ILE A 172 4.37 10.59 9.18
CA ILE A 172 5.31 10.34 10.26
C ILE A 172 6.43 9.39 9.89
N PHE A 173 7.65 9.80 10.20
CA PHE A 173 8.89 9.14 9.80
C PHE A 173 9.85 9.16 10.97
N THR A 174 10.27 8.00 11.48
CA THR A 174 11.18 8.01 12.63
C THR A 174 12.45 7.25 12.35
N LEU A 175 12.67 6.94 11.08
CA LEU A 175 13.91 6.33 10.60
C LEU A 175 14.29 4.96 11.22
N ARG A 176 13.31 4.29 11.84
CA ARG A 176 13.54 2.91 12.29
C ARG A 176 14.00 2.03 11.12
N LYS A 177 14.72 0.96 11.42
CA LYS A 177 15.20 0.06 10.38
C LYS A 177 14.08 -0.48 9.49
N LYS A 178 12.98 -0.90 10.12
CA LYS A 178 11.89 -1.51 9.37
C LYS A 178 11.24 -0.46 8.48
N GLU A 179 11.29 0.80 8.90
CA GLU A 179 10.73 1.89 8.11
C GLU A 179 11.54 2.05 6.84
N LEU A 180 12.87 2.12 7.00
CA LEU A 180 13.76 2.32 5.88
C LEU A 180 13.80 1.06 5.02
N ASP A 181 13.77 -0.10 5.66
CA ASP A 181 13.79 -1.34 4.90
C ASP A 181 12.54 -1.52 4.03
N PHE A 182 11.41 -1.05 4.54
CA PHE A 182 10.13 -1.19 3.83
C PHE A 182 10.14 -0.40 2.52
N PHE A 183 10.86 0.72 2.51
CA PHE A 183 10.87 1.59 1.33
C PHE A 183 12.07 1.38 0.42
N TYR A 184 13.26 1.17 1.02
CA TYR A 184 14.48 1.14 0.23
C TYR A 184 15.02 -0.25 -0.03
N GLN A 185 14.61 -1.21 0.79
CA GLN A 185 15.18 -2.55 0.70
C GLN A 185 14.18 -3.54 0.10
N GLY A 186 12.98 -3.62 0.68
CA GLY A 186 11.97 -4.56 0.24
C GLY A 186 12.00 -5.86 1.03
N PRO A 187 10.89 -6.60 1.06
CA PRO A 187 9.65 -6.27 0.35
C PRO A 187 8.88 -5.22 1.11
N GLY A 188 8.14 -4.40 0.39
CA GLY A 188 7.38 -3.30 0.96
C GLY A 188 6.69 -2.55 -0.15
N SER A 189 6.99 -1.25 -0.27
CA SER A 189 6.42 -0.40 -1.31
C SER A 189 6.76 -0.94 -2.69
N SER A 190 7.85 -1.71 -2.75
CA SER A 190 8.26 -2.44 -3.95
C SER A 190 7.10 -3.23 -4.57
N PHE A 191 6.17 -3.72 -3.75
CA PHE A 191 5.08 -4.55 -4.26
C PHE A 191 3.97 -3.72 -4.87
N VAL A 192 3.85 -2.47 -4.44
CA VAL A 192 2.78 -1.60 -4.93
C VAL A 192 3.23 -0.79 -6.15
N PHE A 193 4.53 -0.52 -6.26
CA PHE A 193 5.08 0.16 -7.44
C PHE A 193 6.20 -0.64 -8.09
N PRO A 194 5.87 -1.82 -8.60
CA PRO A 194 6.92 -2.75 -9.07
C PRO A 194 7.66 -2.19 -10.28
N GLU A 195 7.01 -1.37 -11.11
CA GLU A 195 7.69 -0.90 -12.31
C GLU A 195 8.77 0.12 -11.95
N TYR A 196 8.51 0.93 -10.95
CA TYR A 196 9.50 1.89 -10.50
C TYR A 196 10.56 1.21 -9.65
N TRP A 197 10.15 0.17 -8.91
CA TRP A 197 11.09 -0.58 -8.09
C TRP A 197 12.19 -1.15 -8.97
N GLU A 198 11.81 -1.66 -10.14
CA GLU A 198 12.79 -2.18 -11.08
C GLU A 198 13.82 -1.14 -11.50
N GLU A 199 13.33 0.05 -11.88
CA GLU A 199 14.22 1.17 -12.18
C GLU A 199 15.21 1.41 -11.04
N TYR A 200 14.70 1.37 -9.81
CA TYR A 200 15.47 1.70 -8.62
C TYR A 200 16.55 0.68 -8.31
N LEU A 201 16.26 -0.59 -8.59
CA LEU A 201 17.24 -1.65 -8.40
C LEU A 201 18.34 -1.60 -9.46
N ASP A 202 18.02 -1.03 -10.63
CA ASP A 202 18.88 -1.17 -11.80
C ASP A 202 20.36 -0.77 -11.64
N PRO A 203 20.65 0.41 -11.05
CA PRO A 203 22.06 0.81 -10.98
C PRO A 203 22.92 -0.07 -10.05
N ILE A 204 22.30 -0.94 -9.26
CA ILE A 204 23.03 -1.71 -8.25
C ILE A 204 23.24 -3.16 -8.65
N PRO A 205 24.51 -3.58 -8.75
CA PRO A 205 24.85 -4.99 -9.01
C PRO A 205 24.09 -5.89 -8.04
N VAL A 206 23.60 -7.02 -8.53
CA VAL A 206 22.74 -7.94 -7.78
C VAL A 206 23.39 -8.35 -6.47
N ALA A 207 24.69 -8.64 -6.52
CA ALA A 207 25.42 -9.03 -5.32
C ALA A 207 25.41 -7.98 -4.24
N GLU A 208 25.12 -6.74 -4.59
CA GLU A 208 25.18 -5.67 -3.60
C GLU A 208 23.77 -5.33 -3.14
N ARG A 209 22.79 -6.03 -3.72
CA ARG A 209 21.38 -5.66 -3.51
C ARG A 209 20.91 -5.96 -2.08
N GLY A 210 21.75 -6.61 -1.29
CA GLY A 210 21.40 -6.99 0.06
C GLY A 210 21.25 -5.79 0.99
N ASP A 211 21.91 -4.69 0.64
CA ASP A 211 21.79 -3.44 1.38
C ASP A 211 21.73 -2.27 0.41
N MET A 212 20.52 -1.91 -0.01
CA MET A 212 20.35 -0.92 -1.08
C MET A 212 20.88 0.46 -0.68
N VAL A 213 20.62 0.83 0.58
CA VAL A 213 20.99 2.15 1.08
C VAL A 213 22.50 2.29 1.09
N LYS A 214 23.21 1.29 1.60
CA LYS A 214 24.67 1.35 1.58
C LYS A 214 25.23 1.39 0.16
N ALA A 215 24.66 0.55 -0.70
CA ALA A 215 25.10 0.50 -2.09
C ALA A 215 24.89 1.84 -2.78
N TYR A 216 23.77 2.49 -2.50
CA TYR A 216 23.53 3.80 -3.06
C TYR A 216 24.46 4.87 -2.45
N TYR A 217 24.55 4.87 -1.12
CA TYR A 217 25.40 5.83 -0.43
C TYR A 217 26.82 5.82 -0.96
N GLU A 218 27.35 4.64 -1.25
CA GLU A 218 28.75 4.53 -1.67
C GLU A 218 28.98 5.10 -3.05
N ARG A 219 27.95 5.00 -3.88
CA ARG A 219 27.97 5.59 -5.21
C ARG A 219 27.72 7.08 -5.11
N LEU A 220 26.85 7.48 -4.20
CA LEU A 220 26.47 8.89 -4.09
C LEU A 220 27.60 9.71 -3.48
N THR A 221 28.57 9.03 -2.85
CA THR A 221 29.73 9.66 -2.24
C THR A 221 31.04 9.23 -2.89
N GLY A 222 30.94 8.41 -3.95
CA GLY A 222 32.13 7.97 -4.69
C GLY A 222 32.78 9.05 -5.53
N SER A 223 33.91 8.73 -6.16
CA SER A 223 34.66 9.71 -6.92
C SER A 223 34.23 9.80 -8.38
N ASP A 224 33.65 8.72 -8.90
CA ASP A 224 33.09 8.73 -10.26
C ASP A 224 31.82 9.58 -10.32
N GLU A 225 31.87 10.65 -11.09
CA GLU A 225 30.78 11.62 -11.14
C GLU A 225 29.53 11.16 -11.88
N LYS A 226 29.71 10.35 -12.93
CA LYS A 226 28.59 9.90 -13.72
C LYS A 226 27.74 8.98 -12.89
N VAL A 227 28.38 8.03 -12.21
CA VAL A 227 27.62 7.11 -11.37
C VAL A 227 26.92 7.84 -10.23
N ARG A 228 27.58 8.83 -9.66
CA ARG A 228 27.01 9.63 -8.59
C ARG A 228 25.77 10.39 -9.06
N ALA A 229 25.83 10.92 -10.28
CA ALA A 229 24.68 11.61 -10.88
C ALA A 229 23.56 10.62 -11.21
N GLU A 230 23.93 9.51 -11.85
CA GLU A 230 23.01 8.43 -12.20
C GLU A 230 22.30 7.86 -10.97
N ALA A 231 23.07 7.65 -9.90
CA ALA A 231 22.51 7.16 -8.65
C ALA A 231 21.61 8.21 -7.98
N GLY A 232 21.96 9.48 -8.12
CA GLY A 232 21.16 10.53 -7.49
C GLY A 232 19.81 10.60 -8.15
N ARG A 233 19.80 10.48 -9.47
CA ARG A 233 18.55 10.56 -10.22
C ARG A 233 17.63 9.38 -9.89
N ALA A 234 18.17 8.16 -9.97
CA ALA A 234 17.41 6.95 -9.70
C ALA A 234 16.83 6.91 -8.29
N TRP A 235 17.67 7.20 -7.29
CA TRP A 235 17.25 7.25 -5.89
C TRP A 235 16.10 8.24 -5.72
N SER A 236 16.29 9.45 -6.27
CA SER A 236 15.27 10.51 -6.18
C SER A 236 13.98 10.14 -6.89
N ARG A 237 14.11 9.58 -8.08
CA ARG A 237 12.98 9.19 -8.89
C ARG A 237 12.05 8.21 -8.17
N TRP A 238 12.65 7.19 -7.55
CA TRP A 238 11.93 6.21 -6.75
C TRP A 238 10.95 6.90 -5.81
N GLU A 239 11.43 7.87 -5.04
CA GLU A 239 10.57 8.59 -4.08
C GLU A 239 9.55 9.47 -4.77
N MET A 240 9.95 10.19 -5.82
CA MET A 240 9.02 11.05 -6.52
C MET A 240 7.86 10.25 -7.10
N ALA A 241 8.16 9.04 -7.58
CA ALA A 241 7.18 8.21 -8.28
C ALA A 241 6.18 7.58 -7.33
N THR A 242 6.57 7.49 -6.05
CA THR A 242 5.78 6.78 -5.04
C THR A 242 5.17 7.73 -3.99
N SER A 243 5.19 9.03 -4.26
CA SER A 243 4.81 10.02 -3.24
C SER A 243 3.34 10.46 -3.22
N ARG A 244 2.57 10.09 -4.23
CA ARG A 244 1.16 10.52 -4.30
C ARG A 244 0.27 9.34 -4.70
N LEU A 245 -1.03 9.41 -4.42
CA LEU A 245 -1.92 8.32 -4.81
C LEU A 245 -1.81 8.07 -6.32
N HIS A 246 -2.05 9.13 -7.10
CA HIS A 246 -1.82 9.09 -8.54
C HIS A 246 -0.36 9.50 -8.84
N VAL A 247 0.29 8.74 -9.72
CA VAL A 247 1.65 9.07 -10.15
C VAL A 247 1.63 10.41 -10.90
N ASP A 248 2.38 11.37 -10.39
CA ASP A 248 2.43 12.74 -10.91
C ASP A 248 3.72 12.92 -11.69
N PRO A 249 3.61 13.11 -13.01
CA PRO A 249 4.78 13.35 -13.88
C PRO A 249 5.56 14.61 -13.51
N ASP A 250 4.90 15.57 -12.85
CA ASP A 250 5.57 16.82 -12.44
C ASP A 250 6.42 16.58 -11.22
N TYR A 251 6.01 15.62 -10.40
CA TYR A 251 6.82 15.19 -9.28
C TYR A 251 8.05 14.42 -9.78
N ILE A 252 7.80 13.52 -10.71
CA ILE A 252 8.85 12.65 -11.26
C ILE A 252 9.99 13.42 -11.93
N SER A 253 9.65 14.46 -12.70
CA SER A 253 10.66 15.24 -13.42
C SER A 253 11.67 15.97 -12.51
N LYS A 254 11.30 16.16 -11.24
CA LYS A 254 12.21 16.80 -10.27
C LYS A 254 13.49 16.00 -10.07
N ALA A 255 13.41 14.69 -10.25
CA ALA A 255 14.61 13.84 -10.17
C ALA A 255 15.56 14.09 -11.35
N ASP A 256 15.03 14.66 -12.43
CA ASP A 256 15.85 14.94 -13.60
C ASP A 256 16.61 16.25 -13.46
N ALA A 257 16.35 16.97 -12.36
CA ALA A 257 17.12 18.17 -12.00
C ALA A 257 18.31 17.80 -11.11
N PRO A 258 19.51 17.75 -11.72
CA PRO A 258 20.73 17.27 -11.04
C PRO A 258 21.05 18.08 -9.79
N GLY A 259 20.76 19.37 -9.79
CA GLY A 259 21.02 20.23 -8.65
C GLY A 259 20.28 19.71 -7.44
N PHE A 260 18.97 19.50 -7.62
CA PHE A 260 18.12 18.96 -6.57
C PHE A 260 18.50 17.52 -6.23
N ALA A 261 18.59 16.68 -7.27
CA ALA A 261 18.74 15.23 -7.08
C ALA A 261 20.00 14.87 -6.34
N ASP A 262 21.09 15.59 -6.60
CA ASP A 262 22.37 15.25 -5.98
C ASP A 262 22.32 15.48 -4.48
N ALA A 263 21.89 16.66 -4.05
CA ALA A 263 21.81 16.96 -2.61
C ALA A 263 20.73 16.14 -1.91
N PHE A 264 19.59 15.99 -2.58
CA PHE A 264 18.47 15.23 -2.03
C PHE A 264 18.92 13.82 -1.71
N ALA A 265 19.51 13.14 -2.70
CA ALA A 265 19.90 11.74 -2.55
C ALA A 265 21.08 11.55 -1.59
N ARG A 266 22.06 12.43 -1.69
CA ARG A 266 23.25 12.31 -0.86
C ARG A 266 22.87 12.48 0.60
N ILE A 267 22.03 13.46 0.90
CA ILE A 267 21.71 13.74 2.29
C ILE A 267 20.77 12.67 2.86
N GLU A 268 19.75 12.28 2.08
CA GLU A 268 18.86 11.19 2.46
C GLU A 268 19.68 9.94 2.78
N SER A 269 20.42 9.45 1.80
CA SER A 269 21.25 8.26 2.00
C SER A 269 22.24 8.43 3.17
N HIS A 270 22.78 9.64 3.34
CA HIS A 270 23.67 9.92 4.47
C HIS A 270 22.99 9.61 5.81
N TYR A 271 21.78 10.14 5.99
CA TYR A 271 21.05 10.02 7.26
C TYR A 271 20.53 8.60 7.40
N PHE A 272 20.05 8.05 6.30
CA PHE A 272 19.40 6.76 6.35
C PHE A 272 20.39 5.65 6.68
N VAL A 273 21.56 5.69 6.06
CA VAL A 273 22.59 4.71 6.31
C VAL A 273 23.15 4.83 7.73
N ASN A 274 22.86 5.96 8.38
CA ASN A 274 23.35 6.23 9.72
C ASN A 274 22.23 6.20 10.74
N GLY A 275 21.06 5.72 10.32
CA GLY A 275 19.92 5.60 11.21
C GLY A 275 19.48 6.94 11.80
N GLY A 276 19.68 8.02 11.04
CA GLY A 276 19.34 9.34 11.53
C GLY A 276 20.12 9.69 12.78
N PHE A 277 21.26 9.02 12.97
CA PHE A 277 22.18 9.37 14.07
C PHE A 277 21.47 9.28 15.43
N MET A 278 20.55 8.33 15.54
CA MET A 278 19.84 8.07 16.79
C MET A 278 19.77 6.57 16.96
N PRO A 279 19.72 6.11 18.21
CA PRO A 279 19.46 4.69 18.47
C PRO A 279 18.18 4.27 17.75
N GLU A 280 18.06 2.97 17.50
CA GLU A 280 16.86 2.41 16.93
C GLU A 280 15.64 2.78 17.78
N GLY A 281 14.65 3.44 17.17
CA GLY A 281 13.37 3.70 17.82
C GLY A 281 13.39 4.82 18.85
N GLU A 282 14.42 5.66 18.77
CA GLU A 282 14.67 6.63 19.80
C GLU A 282 13.48 7.57 20.00
N LEU A 283 12.94 8.08 18.91
CA LEU A 283 11.85 9.03 18.98
C LEU A 283 10.60 8.42 19.60
N LEU A 284 10.42 7.10 19.46
CA LEU A 284 9.20 6.45 19.94
C LEU A 284 9.31 5.90 21.35
N LYS A 285 10.48 6.02 21.97
CA LYS A 285 10.62 5.59 23.36
C LYS A 285 9.70 6.43 24.25
N PRO A 286 8.99 5.76 25.17
CA PRO A 286 8.04 6.38 26.11
C PRO A 286 8.65 7.55 26.85
N GLU A 287 9.88 7.40 27.34
CA GLU A 287 10.51 8.47 28.13
C GLU A 287 10.71 9.76 27.30
N ASN A 288 10.80 9.60 25.99
CA ASN A 288 10.93 10.73 25.08
C ASN A 288 9.56 11.29 24.64
N ILE A 289 8.60 10.41 24.46
CA ILE A 289 7.24 10.82 24.12
C ILE A 289 6.66 11.63 25.27
N ALA A 290 7.01 11.24 26.49
CA ALA A 290 6.57 11.96 27.70
C ALA A 290 7.07 13.42 27.76
N LYS A 291 8.19 13.70 27.10
CA LYS A 291 8.69 15.07 27.08
C LYS A 291 7.82 16.01 26.26
N ILE A 292 7.01 15.45 25.35
CA ILE A 292 6.26 16.26 24.40
C ILE A 292 4.78 15.96 24.44
N SER A 293 4.35 15.16 25.42
CA SER A 293 2.98 14.68 25.45
C SER A 293 1.95 15.78 25.67
N HIS A 294 2.39 16.87 26.30
CA HIS A 294 1.54 18.03 26.60
C HIS A 294 1.49 19.04 25.45
N ILE A 295 2.38 18.90 24.48
CA ILE A 295 2.44 19.87 23.40
C ILE A 295 1.28 19.67 22.41
N PRO A 296 0.43 20.69 22.24
CA PRO A 296 -0.71 20.60 21.31
C PRO A 296 -0.22 20.10 19.97
N ALA A 297 -0.87 19.06 19.43
CA ALA A 297 -0.36 18.41 18.24
C ALA A 297 -1.44 17.82 17.36
N VAL A 298 -1.12 17.78 16.06
CA VAL A 298 -1.94 17.10 15.10
C VAL A 298 -1.04 16.25 14.21
N ILE A 299 -1.43 14.98 14.06
CA ILE A 299 -0.78 14.09 13.11
C ILE A 299 -1.74 13.87 11.95
N VAL A 300 -1.30 14.28 10.76
CA VAL A 300 -2.11 14.09 9.55
C VAL A 300 -1.42 13.03 8.70
N GLN A 301 -2.11 11.93 8.42
CA GLN A 301 -1.46 10.81 7.73
C GLN A 301 -2.26 10.22 6.57
N GLY A 302 -1.61 10.10 5.41
CA GLY A 302 -2.24 9.47 4.27
C GLY A 302 -2.29 7.96 4.48
N ARG A 303 -3.48 7.38 4.31
CA ARG A 303 -3.67 5.93 4.46
C ARG A 303 -2.74 5.17 3.52
N TYR A 304 -2.65 5.64 2.28
CA TYR A 304 -1.81 4.97 1.27
C TYR A 304 -0.45 5.65 1.03
N ASP A 305 0.09 6.24 2.10
CA ASP A 305 1.45 6.75 2.11
C ASP A 305 2.43 5.59 1.92
N MET A 306 3.07 5.53 0.76
CA MET A 306 3.99 4.42 0.45
C MET A 306 5.45 4.79 0.68
N VAL A 307 5.71 5.99 1.16
CA VAL A 307 7.07 6.40 1.48
C VAL A 307 7.28 6.25 2.99
N CYS A 308 6.28 6.70 3.76
CA CYS A 308 6.27 6.56 5.21
C CYS A 308 4.92 5.96 5.64
N PRO A 309 4.82 4.63 5.64
CA PRO A 309 3.52 3.96 5.86
C PRO A 309 2.90 4.25 7.22
N ILE A 310 1.57 4.17 7.26
CA ILE A 310 0.79 4.67 8.38
C ILE A 310 1.09 3.97 9.71
N THR A 311 1.71 2.78 9.66
CA THR A 311 2.00 2.06 10.89
C THR A 311 2.83 2.89 11.87
N THR A 312 3.75 3.69 11.36
CA THR A 312 4.56 4.49 12.26
C THR A 312 3.69 5.57 12.94
N ALA A 313 3.00 6.37 12.14
CA ALA A 313 2.02 7.33 12.67
C ALA A 313 1.07 6.69 13.70
N TYR A 314 0.46 5.57 13.31
CA TYR A 314 -0.45 4.85 14.19
C TYR A 314 0.22 4.52 15.52
N GLU A 315 1.43 3.97 15.46
CA GLU A 315 2.15 3.59 16.66
C GLU A 315 2.41 4.80 17.57
N LEU A 316 2.69 5.93 16.92
CA LEU A 316 2.88 7.18 17.64
C LEU A 316 1.62 7.59 18.35
N THR A 317 0.47 7.43 17.67
CA THR A 317 -0.80 7.81 18.30
C THR A 317 -1.07 6.97 19.53
N LYS A 318 -0.65 5.71 19.52
CA LYS A 318 -0.81 4.85 20.69
C LYS A 318 0.00 5.34 21.89
N LEU A 319 1.22 5.78 21.63
CA LEU A 319 2.10 6.30 22.67
C LEU A 319 1.67 7.72 23.08
N TRP A 320 0.96 8.39 22.18
CA TRP A 320 0.67 9.80 22.34
C TRP A 320 -0.79 10.09 22.05
N PRO A 321 -1.70 9.58 22.89
CA PRO A 321 -3.14 9.75 22.60
C PRO A 321 -3.63 11.19 22.74
N GLU A 322 -2.87 12.05 23.45
CA GLU A 322 -3.21 13.47 23.55
C GLU A 322 -3.26 14.11 22.17
N ALA A 323 -2.44 13.60 21.26
CA ALA A 323 -2.32 14.13 19.91
C ALA A 323 -3.54 13.82 19.08
N LYS A 324 -3.91 14.77 18.23
CA LYS A 324 -5.05 14.61 17.36
C LYS A 324 -4.67 13.84 16.10
N PHE A 325 -5.34 12.73 15.83
CA PHE A 325 -5.03 11.90 14.67
C PHE A 325 -6.00 12.13 13.53
N VAL A 326 -5.45 12.43 12.36
CA VAL A 326 -6.28 12.64 11.17
C VAL A 326 -5.78 11.75 10.03
N VAL A 327 -6.53 10.69 9.71
CA VAL A 327 -6.15 9.81 8.61
C VAL A 327 -6.87 10.24 7.34
N ILE A 328 -6.13 10.37 6.25
CA ILE A 328 -6.73 10.70 4.96
C ILE A 328 -6.84 9.42 4.15
N PRO A 329 -8.09 9.01 3.83
CA PRO A 329 -8.37 7.68 3.27
C PRO A 329 -7.93 7.48 1.83
N ASP A 330 -7.75 8.57 1.08
CA ASP A 330 -7.34 8.45 -0.31
C ASP A 330 -6.11 9.28 -0.66
N ALA A 331 -5.20 9.45 0.30
CA ALA A 331 -3.98 10.21 0.09
C ALA A 331 -2.76 9.34 0.25
N GLY A 332 -1.75 9.58 -0.59
CA GLY A 332 -0.46 8.97 -0.38
C GLY A 332 0.38 9.82 0.57
N HIS A 333 1.67 9.95 0.25
CA HIS A 333 2.64 10.58 1.14
C HIS A 333 2.58 12.10 1.20
N SER A 334 2.49 12.71 0.04
CA SER A 334 2.72 14.15 -0.14
C SER A 334 1.77 15.07 0.63
N ALA A 335 2.29 16.24 0.96
CA ALA A 335 1.53 17.23 1.69
C ALA A 335 0.45 17.85 0.81
N ILE A 336 0.64 17.76 -0.52
CA ILE A 336 -0.29 18.39 -1.44
C ILE A 336 -1.47 17.48 -1.85
N GLU A 337 -1.51 16.25 -1.35
CA GLU A 337 -2.69 15.41 -1.54
C GLU A 337 -3.86 16.20 -0.98
N ALA A 338 -4.98 16.19 -1.70
CA ALA A 338 -6.09 17.11 -1.46
C ALA A 338 -6.54 17.13 -0.01
N GLY A 339 -6.77 15.94 0.54
CA GLY A 339 -7.26 15.82 1.90
C GLY A 339 -6.20 16.21 2.93
N THR A 340 -4.96 15.80 2.69
CA THR A 340 -3.86 16.13 3.59
C THR A 340 -3.67 17.65 3.70
N GLU A 341 -3.60 18.31 2.55
CA GLU A 341 -3.44 19.74 2.50
C GLU A 341 -4.51 20.49 3.28
N LYS A 342 -5.77 20.11 3.08
CA LYS A 342 -6.89 20.76 3.73
C LYS A 342 -6.78 20.64 5.25
N ALA A 343 -6.50 19.43 5.72
CA ALA A 343 -6.32 19.16 7.13
C ALA A 343 -5.12 19.91 7.70
N LEU A 344 -4.08 20.08 6.90
CA LEU A 344 -2.89 20.81 7.35
C LEU A 344 -3.21 22.28 7.63
N VAL A 345 -3.93 22.92 6.71
CA VAL A 345 -4.30 24.31 6.87
C VAL A 345 -5.25 24.49 8.05
N GLU A 346 -6.19 23.56 8.22
CA GLU A 346 -7.05 23.53 9.40
C GLU A 346 -6.23 23.49 10.68
N ALA A 347 -5.12 22.75 10.66
CA ALA A 347 -4.24 22.68 11.82
C ALA A 347 -3.60 24.02 12.15
N THR A 348 -3.05 24.68 11.12
CA THR A 348 -2.36 25.96 11.36
C THR A 348 -3.36 27.02 11.79
N GLU A 349 -4.53 27.01 11.16
CA GLU A 349 -5.61 27.91 11.52
C GLU A 349 -5.98 27.75 13.00
N GLU A 350 -6.26 26.52 13.41
CA GLU A 350 -6.61 26.25 14.81
C GLU A 350 -5.48 26.58 15.80
N PHE A 351 -4.26 26.18 15.45
CA PHE A 351 -3.12 26.41 16.33
C PHE A 351 -2.82 27.90 16.53
N ALA A 352 -3.29 28.74 15.62
CA ALA A 352 -3.05 30.18 15.71
C ALA A 352 -3.82 30.77 16.90
N LYS A 353 -4.79 30.00 17.42
CA LYS A 353 -5.57 30.44 18.58
C LYS A 353 -4.81 30.30 19.90
N LEU A 354 -3.82 29.42 19.91
CA LEU A 354 -2.90 29.31 21.03
C LEU A 354 -2.33 30.66 21.40
N ALA A 355 -2.36 31.00 22.69
CA ALA A 355 -1.83 32.28 23.19
C ALA A 355 -0.32 32.22 23.30
N MET B 37 -25.95 4.54 -10.54
CA MET B 37 -24.85 4.69 -11.50
C MET B 37 -23.88 3.50 -11.47
N THR B 38 -24.06 2.56 -12.40
CA THR B 38 -23.33 1.30 -12.40
C THR B 38 -23.25 0.67 -13.78
N SER B 39 -22.19 -0.10 -14.03
CA SER B 39 -22.04 -0.82 -15.30
C SER B 39 -22.54 -2.24 -15.15
N LEU B 40 -22.96 -2.58 -13.93
CA LEU B 40 -23.60 -3.87 -13.65
C LEU B 40 -24.92 -4.01 -14.38
N PHE B 41 -25.18 -5.20 -14.89
CA PHE B 41 -26.48 -5.53 -15.43
C PHE B 41 -27.42 -5.73 -14.24
N ALA B 42 -28.72 -5.84 -14.52
CA ALA B 42 -29.73 -5.93 -13.46
C ALA B 42 -29.44 -7.10 -12.54
N ALA B 43 -29.82 -6.97 -11.28
CA ALA B 43 -29.84 -8.11 -10.36
C ALA B 43 -30.63 -9.24 -11.03
N ILE B 44 -30.19 -10.47 -10.82
CA ILE B 44 -30.74 -11.58 -11.58
C ILE B 44 -30.76 -12.87 -10.78
N GLN B 45 -31.86 -13.62 -10.89
CA GLN B 45 -31.96 -14.91 -10.23
C GLN B 45 -31.72 -16.00 -11.25
N PRO B 46 -31.23 -17.17 -10.81
CA PRO B 46 -30.95 -18.27 -11.77
C PRO B 46 -32.20 -18.90 -12.37
N TYR B 47 -32.11 -19.39 -13.61
CA TYR B 47 -33.23 -20.13 -14.23
C TYR B 47 -33.21 -21.63 -13.89
N LYS B 48 -32.08 -22.11 -13.38
CA LYS B 48 -31.91 -23.50 -13.03
C LYS B 48 -30.81 -23.61 -11.97
N THR B 49 -30.99 -24.47 -10.96
CA THR B 49 -29.94 -24.77 -10.00
C THR B 49 -29.68 -26.26 -10.03
N HIS B 50 -28.47 -26.68 -9.68
CA HIS B 50 -28.12 -28.09 -9.72
C HIS B 50 -27.28 -28.50 -8.53
N LEU B 51 -27.29 -29.79 -8.24
CA LEU B 51 -26.38 -30.36 -7.27
C LEU B 51 -25.64 -31.46 -7.96
N LEU B 52 -24.33 -31.30 -8.09
CA LEU B 52 -23.55 -32.28 -8.81
C LEU B 52 -22.51 -32.90 -7.90
N ARG B 53 -22.63 -34.21 -7.75
CA ARG B 53 -21.70 -35.05 -7.02
C ARG B 53 -20.42 -35.17 -7.79
N VAL B 54 -19.29 -34.87 -7.16
CA VAL B 54 -18.01 -34.92 -7.85
C VAL B 54 -17.00 -35.86 -7.19
N SER B 55 -17.35 -36.30 -5.99
CA SER B 55 -16.53 -37.26 -5.26
C SER B 55 -17.47 -38.03 -4.34
N PRO B 56 -16.97 -39.04 -3.60
CA PRO B 56 -17.89 -39.74 -2.70
C PRO B 56 -18.33 -38.84 -1.55
N LEU B 57 -17.66 -37.71 -1.47
CA LEU B 57 -17.75 -36.84 -0.33
C LEU B 57 -18.39 -35.53 -0.77
N HIS B 58 -17.85 -34.92 -1.83
CA HIS B 58 -18.18 -33.56 -2.20
C HIS B 58 -19.30 -33.43 -3.19
N ARG B 59 -19.98 -32.29 -3.14
CA ARG B 59 -21.20 -32.12 -3.88
C ARG B 59 -21.43 -30.64 -4.17
N LEU B 60 -21.36 -30.27 -5.44
CA LEU B 60 -21.26 -28.87 -5.82
C LEU B 60 -22.61 -28.29 -6.24
N SER B 61 -22.95 -27.16 -5.62
CA SER B 61 -24.11 -26.37 -6.02
C SER B 61 -23.77 -25.52 -7.24
N ILE B 62 -24.54 -25.67 -8.31
CA ILE B 62 -24.31 -24.97 -9.58
C ILE B 62 -25.56 -24.18 -9.94
N LYS B 63 -25.38 -22.93 -10.36
CA LYS B 63 -26.51 -22.07 -10.67
C LYS B 63 -26.32 -21.39 -12.02
N GLU B 64 -27.34 -21.49 -12.87
CA GLU B 64 -27.25 -20.96 -14.22
C GLU B 64 -28.13 -19.73 -14.35
N TYR B 65 -27.57 -18.70 -14.98
CA TYR B 65 -28.27 -17.43 -15.12
C TYR B 65 -28.22 -16.96 -16.56
N GLY B 66 -29.19 -16.13 -16.94
CA GLY B 66 -29.18 -15.47 -18.22
C GLY B 66 -29.85 -16.24 -19.34
N ASN B 67 -29.16 -16.35 -20.47
CA ASN B 67 -29.69 -16.99 -21.67
C ASN B 67 -29.15 -18.40 -21.87
N PRO B 68 -30.04 -19.41 -21.79
CA PRO B 68 -29.61 -20.80 -21.94
C PRO B 68 -28.95 -21.02 -23.29
N GLN B 69 -29.25 -20.15 -24.25
CA GLN B 69 -28.73 -20.27 -25.59
C GLN B 69 -27.47 -19.43 -25.80
N GLY B 70 -27.10 -18.66 -24.78
CA GLY B 70 -25.99 -17.73 -24.91
C GLY B 70 -24.63 -18.38 -24.94
N LYS B 71 -23.59 -17.55 -24.97
CA LYS B 71 -22.21 -18.04 -24.90
C LYS B 71 -21.92 -18.48 -23.49
N PRO B 72 -21.40 -19.72 -23.33
CA PRO B 72 -21.14 -20.26 -22.00
C PRO B 72 -19.95 -19.56 -21.32
N VAL B 73 -20.13 -19.22 -20.05
CA VAL B 73 -19.06 -18.64 -19.23
C VAL B 73 -19.12 -19.23 -17.81
N VAL B 74 -17.98 -19.55 -17.24
CA VAL B 74 -17.95 -20.09 -15.89
C VAL B 74 -17.29 -19.08 -14.98
N PHE B 75 -17.90 -18.82 -13.84
CA PHE B 75 -17.37 -17.86 -12.89
C PHE B 75 -16.71 -18.62 -11.78
N LEU B 76 -15.46 -18.25 -11.48
CA LEU B 76 -14.73 -18.86 -10.37
C LEU B 76 -14.63 -17.85 -9.23
N HIS B 77 -15.33 -18.13 -8.12
CA HIS B 77 -15.30 -17.25 -6.95
C HIS B 77 -13.94 -17.32 -6.29
N GLY B 78 -13.63 -16.34 -5.45
CA GLY B 78 -12.34 -16.28 -4.79
C GLY B 78 -12.31 -16.98 -3.44
N GLY B 79 -11.41 -16.51 -2.58
CA GLY B 79 -11.14 -17.13 -1.30
C GLY B 79 -9.71 -17.66 -1.29
N PRO B 80 -9.54 -18.98 -1.49
CA PRO B 80 -10.58 -19.99 -1.75
C PRO B 80 -11.53 -20.23 -0.59
N GLY B 81 -12.74 -20.68 -0.89
CA GLY B 81 -13.72 -20.99 0.14
C GLY B 81 -14.73 -19.88 0.34
N GLY B 82 -14.76 -18.90 -0.55
CA GLY B 82 -15.68 -17.78 -0.39
C GLY B 82 -17.09 -18.05 -0.90
N GLY B 83 -17.22 -18.95 -1.87
CA GLY B 83 -18.50 -19.22 -2.48
C GLY B 83 -18.88 -18.11 -3.44
N ALA B 84 -19.83 -18.40 -4.33
CA ALA B 84 -20.35 -17.41 -5.28
C ALA B 84 -21.69 -16.89 -4.80
N SER B 85 -22.11 -15.76 -5.36
CA SER B 85 -23.44 -15.23 -5.04
C SER B 85 -24.13 -14.70 -6.28
N ASP B 86 -25.46 -14.50 -6.21
CA ASP B 86 -26.23 -14.06 -7.35
C ASP B 86 -25.63 -12.83 -7.99
N SER B 87 -25.12 -11.91 -7.15
CA SER B 87 -24.58 -10.65 -7.64
C SER B 87 -23.42 -10.84 -8.61
N ASP B 88 -22.68 -11.94 -8.47
CA ASP B 88 -21.55 -12.18 -9.37
C ASP B 88 -22.03 -12.43 -10.80
N ALA B 89 -23.30 -12.79 -10.95
CA ALA B 89 -23.86 -13.00 -12.29
C ALA B 89 -24.10 -11.69 -13.04
N ARG B 90 -23.97 -10.58 -12.32
CA ARG B 90 -24.30 -9.25 -12.83
C ARG B 90 -23.22 -8.64 -13.73
N ARG B 91 -22.11 -9.34 -13.91
CA ARG B 91 -21.04 -8.79 -14.73
C ARG B 91 -21.15 -9.27 -16.17
N PHE B 92 -22.18 -10.06 -16.45
CA PHE B 92 -22.32 -10.66 -17.77
C PHE B 92 -23.68 -10.29 -18.35
N ASN B 93 -23.69 -9.87 -19.62
CA ASN B 93 -24.95 -9.58 -20.31
C ASN B 93 -25.85 -10.81 -20.34
N PRO B 94 -27.04 -10.70 -19.72
CA PRO B 94 -27.96 -11.83 -19.57
C PRO B 94 -28.54 -12.30 -20.90
N THR B 95 -28.48 -11.44 -21.91
CA THR B 95 -28.98 -11.79 -23.23
C THR B 95 -27.92 -12.55 -24.02
N THR B 96 -26.67 -12.22 -23.75
CA THR B 96 -25.55 -12.70 -24.52
C THR B 96 -24.92 -13.96 -23.94
N TYR B 97 -24.87 -14.03 -22.61
CA TYR B 97 -24.17 -15.12 -21.95
C TYR B 97 -25.06 -16.20 -21.34
N ARG B 98 -24.60 -17.44 -21.43
CA ARG B 98 -25.07 -18.48 -20.55
C ARG B 98 -24.14 -18.45 -19.33
N ILE B 99 -24.64 -17.94 -18.22
CA ILE B 99 -23.80 -17.64 -17.08
C ILE B 99 -23.82 -18.80 -16.09
N VAL B 100 -22.67 -19.46 -15.91
CA VAL B 100 -22.58 -20.60 -15.00
C VAL B 100 -21.83 -20.24 -13.73
N LEU B 101 -22.54 -20.24 -12.61
CA LEU B 101 -21.88 -20.02 -11.32
C LEU B 101 -21.91 -21.33 -10.54
N PHE B 102 -20.89 -21.55 -9.72
CA PHE B 102 -20.89 -22.68 -8.79
C PHE B 102 -20.02 -22.37 -7.55
N ASP B 103 -20.29 -23.08 -6.46
CA ASP B 103 -19.48 -22.94 -5.25
C ASP B 103 -18.50 -24.11 -5.19
N GLN B 104 -17.21 -23.78 -5.15
CA GLN B 104 -16.14 -24.76 -5.07
C GLN B 104 -16.20 -25.55 -3.78
N ARG B 105 -15.57 -26.72 -3.74
CA ARG B 105 -15.73 -27.66 -2.62
C ARG B 105 -15.69 -27.04 -1.22
N GLY B 106 -16.74 -27.30 -0.45
CA GLY B 106 -16.79 -26.88 0.94
C GLY B 106 -17.23 -25.44 1.16
N SER B 107 -17.50 -24.72 0.08
CA SER B 107 -17.91 -23.34 0.20
C SER B 107 -19.36 -23.15 -0.24
N GLY B 108 -19.92 -22.00 0.12
CA GLY B 108 -21.25 -21.62 -0.30
C GLY B 108 -22.32 -22.60 0.09
N GLU B 109 -23.01 -23.14 -0.89
CA GLU B 109 -24.05 -24.10 -0.68
C GLU B 109 -23.59 -25.51 -1.02
N SER B 110 -22.35 -25.63 -1.49
CA SER B 110 -21.77 -26.93 -1.79
C SER B 110 -21.51 -27.67 -0.48
N THR B 111 -21.69 -28.99 -0.53
CA THR B 111 -21.57 -29.80 0.66
C THR B 111 -20.42 -30.77 0.48
N PRO B 112 -19.79 -31.22 1.60
CA PRO B 112 -20.09 -30.78 2.97
C PRO B 112 -19.38 -29.45 3.35
N ALA B 113 -20.08 -28.60 4.09
CA ALA B 113 -19.60 -27.26 4.39
C ALA B 113 -18.30 -27.34 5.15
N SER B 114 -17.32 -26.55 4.71
CA SER B 114 -16.07 -26.38 5.47
C SER B 114 -15.22 -27.68 5.51
N CYS B 115 -15.54 -28.64 4.64
CA CYS B 115 -14.81 -29.90 4.55
C CYS B 115 -13.44 -29.80 3.86
N LEU B 116 -12.36 -30.12 4.59
CA LEU B 116 -11.02 -29.95 4.04
C LEU B 116 -10.48 -31.24 3.46
N GLU B 117 -11.30 -32.28 3.51
CA GLU B 117 -10.88 -33.57 2.99
C GLU B 117 -10.96 -33.54 1.47
N ASP B 118 -9.87 -33.95 0.81
CA ASP B 118 -9.82 -33.96 -0.64
C ASP B 118 -10.25 -32.60 -1.22
N ASN B 119 -9.69 -31.52 -0.66
CA ASN B 119 -10.01 -30.19 -1.14
C ASN B 119 -8.72 -29.53 -1.64
N THR B 120 -8.34 -29.84 -2.88
CA THR B 120 -7.08 -29.37 -3.45
C THR B 120 -7.30 -28.65 -4.77
N THR B 121 -6.27 -27.94 -5.24
CA THR B 121 -6.33 -27.22 -6.51
C THR B 121 -6.68 -28.18 -7.66
N GLN B 122 -5.98 -29.30 -7.68
CA GLN B 122 -6.14 -30.28 -8.75
C GLN B 122 -7.56 -30.79 -8.78
N ALA B 123 -8.16 -30.99 -7.60
CA ALA B 123 -9.53 -31.47 -7.51
C ALA B 123 -10.50 -30.41 -8.01
N LEU B 124 -10.23 -29.16 -7.68
CA LEU B 124 -11.07 -28.06 -8.14
C LEU B 124 -10.97 -27.93 -9.65
N VAL B 125 -9.75 -28.03 -10.17
CA VAL B 125 -9.52 -27.97 -11.60
C VAL B 125 -10.36 -29.04 -12.31
N GLU B 126 -10.37 -30.25 -11.78
CA GLU B 126 -11.07 -31.35 -12.41
C GLU B 126 -12.58 -31.16 -12.29
N ASP B 127 -13.00 -30.55 -11.18
CA ASP B 127 -14.41 -30.21 -10.96
C ASP B 127 -14.97 -29.29 -12.05
N ILE B 128 -14.21 -28.29 -12.46
CA ILE B 128 -14.67 -27.38 -13.50
C ILE B 128 -14.97 -28.16 -14.78
N GLU B 129 -14.14 -29.15 -15.05
CA GLU B 129 -14.36 -30.00 -16.20
C GLU B 129 -15.62 -30.86 -16.03
N LYS B 130 -15.82 -31.40 -14.83
CA LYS B 130 -17.00 -32.22 -14.56
C LYS B 130 -18.28 -31.41 -14.72
N ILE B 131 -18.22 -30.13 -14.35
CA ILE B 131 -19.35 -29.25 -14.54
C ILE B 131 -19.58 -28.97 -16.03
N ARG B 132 -18.50 -28.66 -16.75
CA ARG B 132 -18.57 -28.36 -18.17
C ARG B 132 -19.34 -29.43 -18.93
N GLU B 133 -18.97 -30.69 -18.71
CA GLU B 133 -19.61 -31.80 -19.41
C GLU B 133 -21.03 -32.02 -18.96
N PHE B 134 -21.24 -31.99 -17.65
CA PHE B 134 -22.55 -32.20 -17.05
C PHE B 134 -23.60 -31.21 -17.56
N LEU B 135 -23.21 -29.94 -17.68
CA LEU B 135 -24.13 -28.90 -18.15
C LEU B 135 -24.24 -28.93 -19.66
N GLN B 136 -23.45 -29.79 -20.29
CA GLN B 136 -23.42 -29.91 -21.74
C GLN B 136 -23.29 -28.53 -22.37
N VAL B 137 -22.24 -27.83 -21.99
CA VAL B 137 -22.05 -26.45 -22.36
C VAL B 137 -21.39 -26.43 -23.73
N GLY B 138 -20.74 -27.54 -24.05
CA GLY B 138 -20.01 -27.64 -25.29
C GLY B 138 -18.53 -27.86 -25.03
N ALA B 139 -17.73 -27.75 -26.07
CA ALA B 139 -16.31 -28.06 -25.98
C ALA B 139 -15.54 -27.06 -25.13
N ALA B 140 -15.92 -25.78 -25.23
CA ALA B 140 -15.19 -24.72 -24.52
C ALA B 140 -16.09 -23.61 -24.00
N TRP B 141 -15.53 -22.80 -23.11
CA TRP B 141 -16.27 -21.67 -22.53
C TRP B 141 -15.36 -20.55 -22.06
N HIS B 142 -15.92 -19.35 -21.88
CA HIS B 142 -15.19 -18.24 -21.29
C HIS B 142 -15.01 -18.53 -19.79
N VAL B 143 -13.93 -17.97 -19.23
CA VAL B 143 -13.61 -18.18 -17.82
C VAL B 143 -13.42 -16.80 -17.19
N PHE B 144 -13.97 -16.60 -15.98
CA PHE B 144 -13.89 -15.33 -15.28
C PHE B 144 -13.48 -15.61 -13.83
N GLY B 145 -12.45 -14.91 -13.35
CA GLY B 145 -11.99 -15.14 -11.99
C GLY B 145 -11.14 -14.01 -11.44
N GLY B 146 -11.30 -13.72 -10.15
CA GLY B 146 -10.51 -12.70 -9.48
C GLY B 146 -9.93 -13.28 -8.20
N SER B 147 -8.72 -12.82 -7.84
CA SER B 147 -8.07 -13.25 -6.61
C SER B 147 -7.79 -14.74 -6.65
N TRP B 148 -8.30 -15.50 -5.69
CA TRP B 148 -8.14 -16.96 -5.77
C TRP B 148 -8.77 -17.46 -7.06
N GLY B 149 -9.79 -16.76 -7.54
CA GLY B 149 -10.43 -17.13 -8.79
C GLY B 149 -9.51 -17.01 -9.99
N SER B 150 -8.60 -16.04 -9.97
CA SER B 150 -7.59 -15.95 -11.03
C SER B 150 -6.57 -17.06 -10.89
N THR B 151 -6.30 -17.47 -9.65
CA THR B 151 -5.42 -18.63 -9.42
C THR B 151 -6.04 -19.88 -10.06
N LEU B 152 -7.31 -20.12 -9.76
CA LEU B 152 -8.00 -21.29 -10.31
C LEU B 152 -8.11 -21.19 -11.83
N ALA B 153 -8.46 -20.00 -12.32
CA ALA B 153 -8.51 -19.74 -13.77
C ALA B 153 -7.19 -20.09 -14.46
N LEU B 154 -6.09 -19.62 -13.92
CA LEU B 154 -4.80 -19.89 -14.53
C LEU B 154 -4.49 -21.40 -14.46
N ALA B 155 -4.73 -22.04 -13.32
CA ALA B 155 -4.48 -23.47 -13.19
C ALA B 155 -5.33 -24.24 -14.20
N TYR B 156 -6.62 -23.92 -14.23
CA TYR B 156 -7.55 -24.53 -15.17
C TYR B 156 -7.09 -24.36 -16.62
N ALA B 157 -6.77 -23.13 -17.01
CA ALA B 157 -6.42 -22.87 -18.40
C ALA B 157 -5.14 -23.59 -18.76
N GLN B 158 -4.21 -23.67 -17.80
CA GLN B 158 -2.93 -24.31 -18.10
C GLN B 158 -3.12 -25.82 -18.25
N ALA B 159 -4.09 -26.37 -17.53
CA ALA B 159 -4.38 -27.80 -17.57
C ALA B 159 -5.32 -28.20 -18.70
N HIS B 160 -6.10 -27.25 -19.20
CA HIS B 160 -7.08 -27.52 -20.26
C HIS B 160 -7.23 -26.31 -21.16
N PRO B 161 -6.13 -25.91 -21.84
CA PRO B 161 -6.16 -24.65 -22.60
C PRO B 161 -7.17 -24.71 -23.75
N ALA B 162 -7.43 -25.90 -24.27
CA ALA B 162 -8.43 -26.04 -25.33
C ALA B 162 -9.86 -25.77 -24.87
N ARG B 163 -10.09 -25.84 -23.56
CA ARG B 163 -11.43 -25.65 -22.99
C ARG B 163 -11.78 -24.15 -22.71
N VAL B 164 -10.82 -23.26 -22.93
CA VAL B 164 -10.96 -21.86 -22.54
C VAL B 164 -11.03 -20.90 -23.75
N LYS B 165 -12.16 -20.18 -23.86
CA LYS B 165 -12.35 -19.23 -24.95
C LYS B 165 -11.69 -17.90 -24.67
N SER B 166 -11.71 -17.49 -23.40
CA SER B 166 -11.13 -16.24 -22.98
C SER B 166 -10.87 -16.26 -21.48
N LEU B 167 -10.05 -15.33 -21.03
CA LEU B 167 -9.75 -15.23 -19.61
C LEU B 167 -9.89 -13.79 -19.12
N THR B 168 -10.82 -13.58 -18.21
CA THR B 168 -10.98 -12.26 -17.61
C THR B 168 -10.51 -12.37 -16.16
N LEU B 169 -9.37 -11.77 -15.86
CA LEU B 169 -8.67 -11.95 -14.59
C LEU B 169 -8.53 -10.65 -13.83
N ARG B 170 -8.69 -10.71 -12.49
CA ARG B 170 -8.57 -9.54 -11.63
C ARG B 170 -7.80 -9.89 -10.35
N GLY B 171 -7.11 -8.93 -9.76
CA GLY B 171 -6.42 -9.15 -8.50
C GLY B 171 -5.56 -10.41 -8.52
N ILE B 172 -4.56 -10.44 -9.40
CA ILE B 172 -3.80 -11.67 -9.66
C ILE B 172 -3.11 -12.22 -8.42
N PHE B 173 -3.28 -13.53 -8.21
CA PHE B 173 -2.87 -14.24 -7.01
C PHE B 173 -2.31 -15.59 -7.43
N THR B 174 -1.04 -15.86 -7.15
CA THR B 174 -0.49 -17.16 -7.57
C THR B 174 0.08 -17.96 -6.41
N LEU B 175 -0.24 -17.52 -5.20
CA LEU B 175 0.08 -18.23 -3.97
C LEU B 175 1.59 -18.47 -3.71
N ARG B 176 2.45 -17.70 -4.39
CA ARG B 176 3.88 -17.72 -4.05
C ARG B 176 4.09 -17.36 -2.58
N LYS B 177 5.20 -17.84 -2.02
CA LYS B 177 5.49 -17.59 -0.61
C LYS B 177 5.52 -16.11 -0.26
N LYS B 178 6.16 -15.33 -1.12
CA LYS B 178 6.31 -13.90 -0.84
C LYS B 178 4.96 -13.20 -0.92
N GLU B 179 4.04 -13.77 -1.72
CA GLU B 179 2.69 -13.21 -1.83
C GLU B 179 1.95 -13.44 -0.53
N LEU B 180 2.00 -14.67 -0.03
CA LEU B 180 1.29 -15.01 1.19
C LEU B 180 1.97 -14.37 2.40
N ASP B 181 3.30 -14.32 2.40
CA ASP B 181 4.01 -13.67 3.49
C ASP B 181 3.72 -12.17 3.58
N PHE B 182 3.54 -11.52 2.43
CA PHE B 182 3.31 -10.09 2.40
C PHE B 182 2.00 -9.76 3.10
N PHE B 183 1.00 -10.65 2.97
CA PHE B 183 -0.33 -10.39 3.52
C PHE B 183 -0.57 -10.98 4.91
N TYR B 184 -0.08 -12.19 5.13
CA TYR B 184 -0.39 -12.91 6.36
C TYR B 184 0.72 -12.87 7.39
N GLN B 185 1.95 -12.63 6.95
CA GLN B 185 3.10 -12.75 7.84
C GLN B 185 3.67 -11.39 8.21
N GLY B 186 3.98 -10.57 7.20
CA GLY B 186 4.56 -9.25 7.44
C GLY B 186 6.07 -9.29 7.41
N PRO B 187 6.72 -8.14 7.12
CA PRO B 187 6.06 -6.86 6.85
C PRO B 187 5.47 -6.81 5.43
N GLY B 188 4.37 -6.08 5.29
CA GLY B 188 3.70 -5.93 4.00
C GLY B 188 2.48 -5.08 4.24
N SER B 189 1.30 -5.63 3.94
CA SER B 189 0.04 -4.92 4.13
C SER B 189 -0.15 -4.46 5.58
N SER B 190 0.49 -5.17 6.50
CA SER B 190 0.61 -4.78 7.89
C SER B 190 0.97 -3.31 8.10
N PHE B 191 1.78 -2.74 7.21
CA PHE B 191 2.21 -1.34 7.38
C PHE B 191 1.16 -0.34 6.94
N VAL B 192 0.29 -0.74 6.04
CA VAL B 192 -0.76 0.16 5.55
C VAL B 192 -2.05 0.06 6.36
N PHE B 193 -2.28 -1.08 7.01
CA PHE B 193 -3.44 -1.22 7.89
C PHE B 193 -3.06 -1.68 9.29
N PRO B 194 -2.25 -0.88 9.99
CA PRO B 194 -1.67 -1.35 11.25
C PRO B 194 -2.73 -1.63 12.32
N GLU B 195 -3.84 -0.92 12.31
CA GLU B 195 -4.82 -1.10 13.37
C GLU B 195 -5.52 -2.47 13.24
N TYR B 196 -5.76 -2.89 12.01
CA TYR B 196 -6.34 -4.21 11.74
C TYR B 196 -5.30 -5.32 11.86
N TRP B 197 -4.05 -4.98 11.55
CA TRP B 197 -2.97 -5.96 11.68
C TRP B 197 -2.91 -6.40 13.14
N GLU B 198 -3.01 -5.45 14.06
CA GLU B 198 -2.98 -5.75 15.49
C GLU B 198 -4.07 -6.73 15.88
N GLU B 199 -5.29 -6.48 15.40
CA GLU B 199 -6.42 -7.38 15.66
C GLU B 199 -6.08 -8.78 15.19
N TYR B 200 -5.46 -8.86 14.01
CA TYR B 200 -5.14 -10.12 13.35
C TYR B 200 -4.06 -10.89 14.09
N LEU B 201 -3.12 -10.17 14.69
CA LEU B 201 -2.06 -10.83 15.46
C LEU B 201 -2.61 -11.36 16.77
N ASP B 202 -3.69 -10.76 17.26
CA ASP B 202 -4.08 -10.94 18.65
C ASP B 202 -4.32 -12.39 19.12
N PRO B 203 -5.06 -13.20 18.34
CA PRO B 203 -5.32 -14.56 18.81
C PRO B 203 -4.09 -15.48 18.89
N ILE B 204 -2.96 -15.05 18.34
CA ILE B 204 -1.77 -15.91 18.26
C ILE B 204 -0.70 -15.52 19.29
N PRO B 205 -0.39 -16.42 20.22
CA PRO B 205 0.71 -16.19 21.18
C PRO B 205 1.96 -15.75 20.42
N VAL B 206 2.75 -14.87 21.00
CA VAL B 206 3.86 -14.27 20.26
C VAL B 206 4.92 -15.26 19.81
N ALA B 207 5.14 -16.30 20.62
CA ALA B 207 6.09 -17.34 20.24
C ALA B 207 5.64 -18.13 19.01
N GLU B 208 4.38 -18.00 18.63
CA GLU B 208 3.92 -18.71 17.45
C GLU B 208 3.82 -17.81 16.26
N ARG B 209 4.14 -16.54 16.47
CA ARG B 209 3.92 -15.53 15.45
C ARG B 209 4.88 -15.65 14.25
N GLY B 210 5.84 -16.58 14.33
CA GLY B 210 6.83 -16.77 13.27
C GLY B 210 6.22 -17.34 11.99
N ASP B 211 5.10 -18.03 12.13
CA ASP B 211 4.37 -18.56 10.99
C ASP B 211 2.87 -18.38 11.25
N MET B 212 2.34 -17.24 10.81
CA MET B 212 0.95 -16.88 11.14
C MET B 212 -0.03 -17.87 10.54
N VAL B 213 0.22 -18.26 9.30
CA VAL B 213 -0.68 -19.14 8.56
C VAL B 213 -0.78 -20.50 9.24
N LYS B 214 0.35 -21.08 9.63
CA LYS B 214 0.31 -22.38 10.31
C LYS B 214 -0.37 -22.25 11.69
N ALA B 215 -0.10 -21.14 12.40
CA ALA B 215 -0.69 -20.95 13.72
C ALA B 215 -2.21 -20.81 13.59
N TYR B 216 -2.66 -20.12 12.55
CA TYR B 216 -4.09 -20.01 12.31
C TYR B 216 -4.70 -21.35 11.90
N TYR B 217 -4.05 -22.00 10.94
CA TYR B 217 -4.54 -23.27 10.43
C TYR B 217 -4.79 -24.27 11.54
N GLU B 218 -3.87 -24.32 12.50
CA GLU B 218 -3.96 -25.33 13.56
C GLU B 218 -5.11 -25.07 14.49
N ARG B 219 -5.45 -23.80 14.63
CA ARG B 219 -6.58 -23.39 15.44
C ARG B 219 -7.86 -23.61 14.64
N LEU B 220 -7.78 -23.34 13.34
CA LEU B 220 -8.95 -23.44 12.49
C LEU B 220 -9.34 -24.89 12.26
N THR B 221 -8.38 -25.79 12.52
CA THR B 221 -8.64 -27.22 12.42
C THR B 221 -8.57 -27.94 13.77
N GLY B 222 -8.37 -27.19 14.85
CA GLY B 222 -8.32 -27.77 16.19
C GLY B 222 -9.66 -28.29 16.69
N SER B 223 -9.65 -28.92 17.87
CA SER B 223 -10.87 -29.50 18.45
C SER B 223 -11.65 -28.51 19.31
N ASP B 224 -10.96 -27.51 19.85
CA ASP B 224 -11.63 -26.45 20.61
C ASP B 224 -12.44 -25.55 19.68
N GLU B 225 -13.76 -25.53 19.87
CA GLU B 225 -14.65 -24.84 18.94
C GLU B 225 -14.64 -23.33 19.06
N LYS B 226 -14.47 -22.82 20.27
CA LYS B 226 -14.47 -21.38 20.49
C LYS B 226 -13.28 -20.76 19.79
N VAL B 227 -12.11 -21.36 20.00
CA VAL B 227 -10.87 -20.90 19.41
C VAL B 227 -10.99 -20.90 17.88
N ARG B 228 -11.52 -22.00 17.34
CA ARG B 228 -11.77 -22.14 15.91
C ARG B 228 -12.69 -21.04 15.36
N ALA B 229 -13.75 -20.72 16.11
CA ALA B 229 -14.66 -19.66 15.71
C ALA B 229 -13.95 -18.30 15.78
N GLU B 230 -13.25 -18.09 16.90
CA GLU B 230 -12.52 -16.86 17.14
C GLU B 230 -11.47 -16.61 16.08
N ALA B 231 -10.75 -17.67 15.74
CA ALA B 231 -9.75 -17.60 14.67
C ALA B 231 -10.38 -17.37 13.30
N GLY B 232 -11.54 -17.97 13.06
CA GLY B 232 -12.18 -17.81 11.77
C GLY B 232 -12.59 -16.38 11.55
N ARG B 233 -13.11 -15.76 12.60
CA ARG B 233 -13.56 -14.37 12.54
C ARG B 233 -12.40 -13.40 12.29
N ALA B 234 -11.36 -13.52 13.12
CA ALA B 234 -10.18 -12.66 13.04
C ALA B 234 -9.46 -12.78 11.68
N TRP B 235 -9.26 -14.00 11.21
CA TRP B 235 -8.63 -14.25 9.93
C TRP B 235 -9.42 -13.58 8.80
N SER B 236 -10.73 -13.84 8.80
CA SER B 236 -11.64 -13.27 7.79
C SER B 236 -11.70 -11.74 7.85
N ARG B 237 -11.82 -11.20 9.06
CA ARG B 237 -11.86 -9.75 9.27
C ARG B 237 -10.68 -9.04 8.63
N TRP B 238 -9.48 -9.57 8.86
CA TRP B 238 -8.26 -9.01 8.31
C TRP B 238 -8.45 -8.76 6.82
N GLU B 239 -8.90 -9.79 6.10
CA GLU B 239 -9.08 -9.62 4.65
C GLU B 239 -10.21 -8.66 4.29
N MET B 240 -11.33 -8.74 5.00
CA MET B 240 -12.45 -7.84 4.71
C MET B 240 -12.04 -6.39 4.90
N ALA B 241 -11.26 -6.12 5.93
CA ALA B 241 -10.86 -4.75 6.29
C ALA B 241 -9.90 -4.14 5.30
N THR B 242 -9.18 -5.01 4.58
CA THR B 242 -8.07 -4.58 3.72
C THR B 242 -8.39 -4.72 2.23
N SER B 243 -9.65 -4.99 1.89
CA SER B 243 -10.02 -5.36 0.52
C SER B 243 -10.44 -4.21 -0.41
N ARG B 244 -10.61 -3.00 0.12
CA ARG B 244 -11.05 -1.85 -0.69
C ARG B 244 -10.26 -0.60 -0.34
N LEU B 245 -10.19 0.37 -1.25
CA LEU B 245 -9.45 1.59 -0.96
C LEU B 245 -9.97 2.21 0.34
N HIS B 246 -11.28 2.47 0.39
CA HIS B 246 -11.93 2.90 1.62
C HIS B 246 -12.40 1.68 2.42
N VAL B 247 -12.14 1.67 3.72
CA VAL B 247 -12.61 0.59 4.59
C VAL B 247 -14.15 0.57 4.64
N ASP B 248 -14.73 -0.55 4.22
CA ASP B 248 -16.17 -0.71 4.09
C ASP B 248 -16.69 -1.54 5.25
N PRO B 249 -17.49 -0.91 6.13
CA PRO B 249 -18.09 -1.62 7.27
C PRO B 249 -19.00 -2.78 6.85
N ASP B 250 -19.55 -2.73 5.64
CA ASP B 250 -20.41 -3.81 5.17
C ASP B 250 -19.61 -5.03 4.74
N TYR B 251 -18.38 -4.77 4.31
CA TYR B 251 -17.43 -5.84 4.04
C TYR B 251 -16.99 -6.49 5.35
N ILE B 252 -16.63 -5.63 6.30
CA ILE B 252 -16.14 -6.07 7.60
C ILE B 252 -17.10 -6.98 8.36
N SER B 253 -18.38 -6.60 8.41
CA SER B 253 -19.39 -7.37 9.12
C SER B 253 -19.54 -8.82 8.62
N LYS B 254 -19.11 -9.10 7.39
CA LYS B 254 -19.18 -10.46 6.85
C LYS B 254 -18.39 -11.46 7.66
N ALA B 255 -17.31 -11.00 8.29
CA ALA B 255 -16.49 -11.83 9.18
C ALA B 255 -17.27 -12.20 10.43
N ASP B 256 -18.29 -11.42 10.77
CA ASP B 256 -19.09 -11.70 11.96
C ASP B 256 -20.15 -12.77 11.71
N ALA B 257 -20.26 -13.22 10.45
CA ALA B 257 -21.11 -14.34 10.08
C ALA B 257 -20.34 -15.66 10.16
N PRO B 258 -20.56 -16.43 11.24
CA PRO B 258 -19.78 -17.65 11.52
C PRO B 258 -19.88 -18.68 10.40
N GLY B 259 -21.02 -18.72 9.72
CA GLY B 259 -21.21 -19.67 8.63
C GLY B 259 -20.18 -19.41 7.55
N PHE B 260 -20.13 -18.16 7.11
CA PHE B 260 -19.17 -17.72 6.11
C PHE B 260 -17.75 -17.84 6.62
N ALA B 261 -17.51 -17.23 7.79
CA ALA B 261 -16.16 -17.09 8.33
C ALA B 261 -15.47 -18.42 8.58
N ASP B 262 -16.22 -19.44 8.98
CA ASP B 262 -15.57 -20.71 9.30
C ASP B 262 -15.02 -21.41 8.05
N ALA B 263 -15.85 -21.53 7.01
CA ALA B 263 -15.43 -22.13 5.75
C ALA B 263 -14.40 -21.26 5.01
N PHE B 264 -14.62 -19.96 5.02
CA PHE B 264 -13.73 -19.02 4.34
C PHE B 264 -12.30 -19.19 4.88
N ALA B 265 -12.18 -19.12 6.20
CA ALA B 265 -10.88 -19.14 6.84
C ALA B 265 -10.24 -20.52 6.77
N ARG B 266 -11.05 -21.55 7.02
CA ARG B 266 -10.52 -22.91 7.01
C ARG B 266 -9.95 -23.26 5.65
N ILE B 267 -10.70 -22.94 4.59
CA ILE B 267 -10.26 -23.31 3.25
C ILE B 267 -9.07 -22.45 2.79
N GLU B 268 -9.14 -21.14 3.05
CA GLU B 268 -8.01 -20.25 2.75
C GLU B 268 -6.73 -20.75 3.42
N SER B 269 -6.76 -20.87 4.75
CA SER B 269 -5.62 -21.40 5.50
C SER B 269 -5.19 -22.78 4.99
N HIS B 270 -6.14 -23.64 4.65
CA HIS B 270 -5.83 -24.96 4.13
C HIS B 270 -4.95 -24.89 2.86
N TYR B 271 -5.37 -24.07 1.89
CA TYR B 271 -4.61 -23.93 0.66
C TYR B 271 -3.30 -23.18 0.89
N PHE B 272 -3.37 -22.12 1.68
CA PHE B 272 -2.21 -21.25 1.83
C PHE B 272 -1.08 -22.00 2.53
N VAL B 273 -1.41 -22.74 3.58
CA VAL B 273 -0.40 -23.48 4.32
C VAL B 273 0.20 -24.60 3.47
N ASN B 274 -0.51 -24.94 2.38
CA ASN B 274 -0.07 -25.98 1.46
C ASN B 274 0.40 -25.43 0.12
N GLY B 275 0.56 -24.12 0.03
CA GLY B 275 1.14 -23.50 -1.15
C GLY B 275 0.24 -23.67 -2.35
N GLY B 276 -1.05 -23.85 -2.09
CA GLY B 276 -1.97 -24.09 -3.18
C GLY B 276 -1.66 -25.40 -3.87
N PHE B 277 -0.94 -26.28 -3.18
CA PHE B 277 -0.71 -27.64 -3.70
C PHE B 277 0.02 -27.61 -5.05
N MET B 278 0.86 -26.60 -5.22
CA MET B 278 1.66 -26.44 -6.41
C MET B 278 3.06 -26.08 -5.96
N PRO B 279 4.05 -26.45 -6.78
CA PRO B 279 5.42 -25.97 -6.54
C PRO B 279 5.44 -24.44 -6.48
N GLU B 280 6.43 -23.90 -5.80
CA GLU B 280 6.61 -22.46 -5.73
C GLU B 280 6.66 -21.88 -7.13
N GLY B 281 5.77 -20.94 -7.43
CA GLY B 281 5.83 -20.16 -8.65
C GLY B 281 5.37 -20.92 -9.87
N GLU B 282 4.60 -21.99 -9.65
CA GLU B 282 4.26 -22.90 -10.72
C GLU B 282 3.51 -22.23 -11.86
N LEU B 283 2.57 -21.37 -11.50
CA LEU B 283 1.71 -20.72 -12.49
C LEU B 283 2.51 -19.77 -13.37
N LEU B 284 3.58 -19.19 -12.82
CA LEU B 284 4.37 -18.18 -13.50
C LEU B 284 5.54 -18.75 -14.31
N LYS B 285 5.78 -20.05 -14.24
CA LYS B 285 6.82 -20.65 -15.05
C LYS B 285 6.50 -20.46 -16.53
N PRO B 286 7.51 -20.09 -17.33
CA PRO B 286 7.39 -19.82 -18.76
C PRO B 286 6.73 -20.95 -19.51
N GLU B 287 7.13 -22.19 -19.22
CA GLU B 287 6.59 -23.34 -19.94
C GLU B 287 5.08 -23.49 -19.72
N ASN B 288 4.58 -22.94 -18.62
CA ASN B 288 3.15 -22.98 -18.32
C ASN B 288 2.41 -21.76 -18.90
N ILE B 289 3.07 -20.60 -18.87
CA ILE B 289 2.52 -19.39 -19.46
C ILE B 289 2.36 -19.61 -20.97
N ALA B 290 3.31 -20.34 -21.56
CA ALA B 290 3.25 -20.69 -22.99
C ALA B 290 2.02 -21.48 -23.39
N LYS B 291 1.45 -22.24 -22.46
CA LYS B 291 0.27 -23.04 -22.75
C LYS B 291 -0.99 -22.19 -22.93
N ILE B 292 -0.96 -20.96 -22.42
CA ILE B 292 -2.16 -20.13 -22.40
C ILE B 292 -1.92 -18.78 -23.06
N SER B 293 -0.78 -18.63 -23.72
CA SER B 293 -0.35 -17.31 -24.20
C SER B 293 -1.25 -16.81 -25.33
N HIS B 294 -1.89 -17.75 -26.02
CA HIS B 294 -2.76 -17.43 -27.16
C HIS B 294 -4.20 -17.16 -26.72
N ILE B 295 -4.51 -17.44 -25.46
CA ILE B 295 -5.87 -17.29 -25.00
C ILE B 295 -6.18 -15.80 -24.73
N PRO B 296 -7.17 -15.26 -25.47
CA PRO B 296 -7.58 -13.85 -25.30
C PRO B 296 -7.78 -13.58 -23.82
N ALA B 297 -7.13 -12.52 -23.32
CA ALA B 297 -7.13 -12.29 -21.89
C ALA B 297 -7.10 -10.83 -21.50
N VAL B 298 -7.67 -10.54 -20.34
CA VAL B 298 -7.57 -9.22 -19.75
C VAL B 298 -7.21 -9.37 -18.28
N ILE B 299 -6.17 -8.67 -17.85
CA ILE B 299 -5.86 -8.59 -16.44
C ILE B 299 -6.26 -7.22 -15.96
N VAL B 300 -7.16 -7.18 -14.97
CA VAL B 300 -7.59 -5.91 -14.37
C VAL B 300 -7.03 -5.87 -12.95
N GLN B 301 -6.21 -4.87 -12.65
CA GLN B 301 -5.55 -4.85 -11.34
C GLN B 301 -5.64 -3.50 -10.61
N GLY B 302 -6.07 -3.52 -9.36
CA GLY B 302 -6.07 -2.31 -8.55
C GLY B 302 -4.64 -2.00 -8.14
N ARG B 303 -4.24 -0.74 -8.35
CA ARG B 303 -2.92 -0.25 -7.94
C ARG B 303 -2.69 -0.46 -6.44
N TYR B 304 -3.70 -0.12 -5.62
CA TYR B 304 -3.56 -0.24 -4.17
C TYR B 304 -4.23 -1.49 -3.59
N ASP B 305 -4.23 -2.56 -4.38
CA ASP B 305 -4.63 -3.88 -3.90
C ASP B 305 -3.67 -4.35 -2.81
N MET B 306 -4.18 -4.41 -1.57
CA MET B 306 -3.34 -4.77 -0.43
C MET B 306 -3.54 -6.21 -0.02
N VAL B 307 -4.38 -6.94 -0.75
CA VAL B 307 -4.53 -8.37 -0.50
C VAL B 307 -3.63 -9.14 -1.47
N CYS B 308 -3.69 -8.74 -2.74
CA CYS B 308 -2.88 -9.34 -3.77
C CYS B 308 -2.20 -8.20 -4.53
N PRO B 309 -1.02 -7.78 -4.05
CA PRO B 309 -0.38 -6.57 -4.59
C PRO B 309 0.04 -6.68 -6.06
N ILE B 310 0.12 -5.52 -6.72
CA ILE B 310 0.18 -5.47 -8.17
C ILE B 310 1.43 -6.12 -8.76
N THR B 311 2.45 -6.31 -7.93
CA THR B 311 3.70 -6.90 -8.40
C THR B 311 3.46 -8.25 -9.08
N THR B 312 2.56 -9.06 -8.54
CA THR B 312 2.26 -10.35 -9.17
C THR B 312 1.65 -10.18 -10.57
N ALA B 313 0.53 -9.43 -10.64
CA ALA B 313 -0.07 -9.07 -11.92
C ALA B 313 0.98 -8.50 -12.90
N TYR B 314 1.76 -7.53 -12.44
CA TYR B 314 2.80 -6.95 -13.27
C TYR B 314 3.74 -8.02 -13.82
N GLU B 315 4.20 -8.90 -12.95
CA GLU B 315 5.15 -9.93 -13.37
C GLU B 315 4.53 -10.84 -14.42
N LEU B 316 3.24 -11.13 -14.24
CA LEU B 316 2.50 -11.94 -15.20
C LEU B 316 2.47 -11.24 -16.55
N THR B 317 2.22 -9.92 -16.55
CA THR B 317 2.17 -9.19 -17.82
C THR B 317 3.48 -9.25 -18.56
N LYS B 318 4.60 -9.29 -17.84
CA LYS B 318 5.92 -9.42 -18.47
C LYS B 318 6.07 -10.76 -19.16
N LEU B 319 5.59 -11.81 -18.53
CA LEU B 319 5.68 -13.15 -19.10
C LEU B 319 4.63 -13.34 -20.18
N TRP B 320 3.56 -12.54 -20.09
CA TRP B 320 2.40 -12.71 -20.95
C TRP B 320 1.97 -11.39 -21.59
N PRO B 321 2.80 -10.82 -22.48
CA PRO B 321 2.47 -9.51 -23.04
C PRO B 321 1.24 -9.54 -23.95
N GLU B 322 0.87 -10.71 -24.48
CA GLU B 322 -0.32 -10.83 -25.31
C GLU B 322 -1.55 -10.34 -24.55
N ALA B 323 -1.52 -10.55 -23.24
CA ALA B 323 -2.65 -10.22 -22.36
C ALA B 323 -2.79 -8.73 -22.22
N LYS B 324 -4.04 -8.30 -22.21
CA LYS B 324 -4.34 -6.88 -22.02
C LYS B 324 -4.27 -6.46 -20.55
N PHE B 325 -3.42 -5.48 -20.24
CA PHE B 325 -3.26 -5.03 -18.85
C PHE B 325 -4.04 -3.75 -18.59
N VAL B 326 -4.83 -3.76 -17.53
CA VAL B 326 -5.61 -2.60 -17.12
C VAL B 326 -5.37 -2.34 -15.63
N VAL B 327 -4.62 -1.27 -15.32
CA VAL B 327 -4.38 -0.91 -13.92
C VAL B 327 -5.36 0.16 -13.52
N ILE B 328 -6.02 -0.04 -12.37
CA ILE B 328 -6.93 0.95 -11.81
C ILE B 328 -6.18 1.73 -10.72
N PRO B 329 -5.97 3.04 -10.94
CA PRO B 329 -5.10 3.89 -10.08
C PRO B 329 -5.64 4.15 -8.68
N ASP B 330 -6.95 4.02 -8.46
CA ASP B 330 -7.51 4.32 -7.15
C ASP B 330 -8.35 3.18 -6.60
N ALA B 331 -8.01 1.95 -6.96
CA ALA B 331 -8.75 0.78 -6.51
C ALA B 331 -7.88 -0.11 -5.64
N GLY B 332 -8.50 -0.70 -4.62
CA GLY B 332 -7.87 -1.75 -3.87
C GLY B 332 -8.16 -3.09 -4.52
N HIS B 333 -8.38 -4.10 -3.69
CA HIS B 333 -8.45 -5.49 -4.13
C HIS B 333 -9.76 -5.86 -4.83
N SER B 334 -10.87 -5.41 -4.25
CA SER B 334 -12.19 -5.92 -4.58
C SER B 334 -12.63 -5.67 -6.01
N ALA B 335 -13.47 -6.57 -6.50
CA ALA B 335 -14.02 -6.47 -7.85
C ALA B 335 -14.99 -5.30 -7.93
N ILE B 336 -15.58 -4.92 -6.80
CA ILE B 336 -16.59 -3.87 -6.81
C ILE B 336 -16.02 -2.45 -6.71
N GLU B 337 -14.71 -2.32 -6.60
CA GLU B 337 -14.09 -1.00 -6.71
C GLU B 337 -14.52 -0.41 -8.05
N ALA B 338 -14.89 0.86 -8.04
CA ALA B 338 -15.61 1.49 -9.16
C ALA B 338 -14.95 1.25 -10.51
N GLY B 339 -13.65 1.52 -10.58
CA GLY B 339 -12.93 1.38 -11.83
C GLY B 339 -12.72 -0.08 -12.24
N THR B 340 -12.50 -0.95 -11.25
CA THR B 340 -12.28 -2.35 -11.52
C THR B 340 -13.55 -2.95 -12.14
N GLU B 341 -14.68 -2.69 -11.49
CA GLU B 341 -15.96 -3.20 -11.94
C GLU B 341 -16.25 -2.79 -13.37
N LYS B 342 -16.01 -1.52 -13.68
CA LYS B 342 -16.29 -0.98 -15.01
C LYS B 342 -15.46 -1.68 -16.08
N ALA B 343 -14.18 -1.84 -15.78
CA ALA B 343 -13.27 -2.54 -16.65
C ALA B 343 -13.65 -4.01 -16.81
N LEU B 344 -14.13 -4.62 -15.72
CA LEU B 344 -14.55 -6.03 -15.80
C LEU B 344 -15.71 -6.24 -16.77
N VAL B 345 -16.71 -5.37 -16.70
CA VAL B 345 -17.86 -5.50 -17.58
C VAL B 345 -17.47 -5.23 -19.03
N GLU B 346 -16.60 -4.24 -19.23
CA GLU B 346 -16.05 -3.99 -20.55
C GLU B 346 -15.37 -5.25 -21.11
N ALA B 347 -14.68 -5.99 -20.25
CA ALA B 347 -14.06 -7.25 -20.66
C ALA B 347 -15.07 -8.30 -21.11
N THR B 348 -16.12 -8.51 -20.31
CA THR B 348 -17.12 -9.53 -20.68
C THR B 348 -17.87 -9.12 -21.94
N GLU B 349 -18.17 -7.83 -22.05
CA GLU B 349 -18.83 -7.30 -23.24
C GLU B 349 -18.01 -7.56 -24.50
N GLU B 350 -16.74 -7.19 -24.46
CA GLU B 350 -15.84 -7.43 -25.59
C GLU B 350 -15.65 -8.93 -25.88
N PHE B 351 -15.46 -9.73 -24.84
CA PHE B 351 -15.19 -11.16 -25.05
C PHE B 351 -16.40 -11.88 -25.60
N ALA B 352 -17.57 -11.26 -25.49
CA ALA B 352 -18.79 -11.85 -26.04
C ALA B 352 -18.79 -11.84 -27.57
N LYS B 353 -17.90 -11.06 -28.18
CA LYS B 353 -17.74 -11.03 -29.64
C LYS B 353 -16.98 -12.25 -30.18
N LEU B 354 -16.14 -12.87 -29.34
CA LEU B 354 -15.47 -14.11 -29.69
C LEU B 354 -16.48 -15.10 -30.27
N ALA B 355 -16.14 -15.68 -31.43
CA ALA B 355 -16.97 -16.70 -32.07
C ALA B 355 -16.80 -18.04 -31.38
CAC FLC C . 32.98 19.36 -4.27
CA FLC C . 32.03 19.70 -3.14
CB FLC C . 31.69 18.48 -2.29
CBC FLC C . 30.99 17.44 -3.12
CG FLC C . 30.67 18.81 -1.21
CGC FLC C . 31.33 19.62 -0.10
OA1 FLC C . 33.57 18.25 -4.33
OA2 FLC C . 33.18 20.21 -5.18
OB1 FLC C . 31.25 16.23 -2.96
OB2 FLC C . 30.10 17.80 -3.95
OG1 FLC C . 31.28 19.28 1.12
OG2 FLC C . 31.95 20.66 -0.43
OHB FLC C . 32.89 17.98 -1.73
CAC FLC D . 9.54 16.81 -0.31
CA FLC D . 8.86 15.45 -0.23
CB FLC D . 8.58 15.09 1.22
CBC FLC D . 9.62 14.09 1.63
CG FLC D . 7.19 14.50 1.34
CGC FLC D . 6.17 15.36 0.60
OA1 FLC D . 10.79 16.87 -0.44
OA2 FLC D . 8.85 17.87 -0.27
OB1 FLC D . 9.30 12.94 2.04
OB2 FLC D . 10.83 14.37 1.57
OG1 FLC D . 5.65 16.38 1.15
OG2 FLC D . 5.81 15.05 -0.57
OHB FLC D . 8.66 16.23 2.04
CAC FLC E . -14.31 -12.13 -1.70
CA FLC E . -12.84 -12.35 -1.47
CB FLC E . -12.16 -12.28 -2.81
CBC FLC E . -10.72 -12.69 -2.56
CG FLC E . -12.90 -13.28 -3.69
CGC FLC E . -13.21 -12.86 -5.12
OA1 FLC E . -15.08 -13.12 -1.93
OA2 FLC E . -14.77 -10.96 -1.63
OB1 FLC E . -10.31 -13.88 -2.72
OB2 FLC E . -9.92 -11.80 -2.18
OG1 FLC E . -12.56 -11.91 -5.64
OG2 FLC E . -14.10 -13.48 -5.79
OHB FLC E . -12.22 -10.96 -3.29
#